data_3PZ4
#
_entry.id   3PZ4
#
_cell.length_a   170.746
_cell.length_b   170.746
_cell.length_c   69.085
_cell.angle_alpha   90.00
_cell.angle_beta   90.00
_cell.angle_gamma   120.00
#
_symmetry.space_group_name_H-M   'P 61'
#
loop_
_entity.id
_entity.type
_entity.pdbx_description
1 polymer 'Protein farnesyltransferase/geranylgeranyltransferase type-1 subunit alpha'
2 polymer 'Protein farnesyltransferase subunit beta'
3 non-polymer 'ZINC ION'
4 non-polymer 'FARNESYL DIPHOSPHATE'
5 non-polymer (3R)-3-benzyl-4-[(4-methoxyphenyl)sulfonyl]-1-[(1-methyl-1H-imidazol-5-yl)methyl]-2,3,4,5-tetrahydro-1H-1,4-benzodiazepine-7-carbonitrile
6 water water
#
loop_
_entity_poly.entity_id
_entity_poly.type
_entity_poly.pdbx_seq_one_letter_code
_entity_poly.pdbx_strand_id
1 'polypeptide(L)'
;GHMAATEGVGESAPGGEPGQPEQPPPPPPPPPAQQPQEEEMAAEAGEAAASPMDDGFLSLDSPTYVLYRDRAEWADIDPV
PQNDGPSPVVQIIYSEKFRDVYDYFRAVLQRDERSERAFKLTRDAIELNAANYTVWHFRRVLLRSLQKDLQEEMNYIIAI
IEEQPKNYQVWHHRRVLVEWLKDPSQELEFIADILNQDAKNYHAWQHRQWVIQEFRLWDNELQYVDQLLKEDVRNNSVWN
QRHFVISNTTGYSDRAVLEREVQYTLEMIKLVPHNESAWNYLKGILQDRGLSRYPNLLNQLLDLQPSHSSPYLIAFLVDI
YEDMLENQCDNKEDILNKALELCEILAKEKDTIRKEYWRYIGRSLQSKHSRESDIPASV
;
A
2 'polypeptide(L)'
;ASSSSFTYYCPPSSSPVWSEPLYSLRPEHARERLQDDSVETVTSIEQAKVEEKIQEVFSSYKFNHLVPRLVLQREKHFHY
LKRGLRQLTDAYECLDASRPWLCYWILHSLELLDEPIPQIVATDVCQFLELCQSPDGGFGGGPGQYPHLAPTYAAVNALC
IIGTEEAYNVINREKLLQYLYSLKQPDGSFLMHVGGEVDVRSAYCAASVASLTNIITPDLFEGTAEWIARCQNWEGGIGG
VPGMEAHGGYTFCGLAALVILKKERSLNLKSLLQWVTSRQMRFEGGFQGRCNKLVDGCYSFWQAGLLPLLHRALHAQGDP
ALSMSHWMFHQQALQEYILMCCQCPAGGLLDKPGKSRDFYHTCYCLSGLSIAQHFGSGAMLHDVVMGVPENVLQPTHPVY
NIGPDKVIQATTHFLQKPVPGFEECE
;
B
#
# COMPACT_ATOMS: atom_id res chain seq x y z
N PHE A 57 -11.20 18.24 29.46
CA PHE A 57 -12.22 18.27 30.56
C PHE A 57 -13.66 17.89 30.11
N LEU A 58 -14.23 18.54 29.08
CA LEU A 58 -15.59 18.18 28.59
C LEU A 58 -15.59 17.25 27.35
N SER A 59 -15.93 15.99 27.58
CA SER A 59 -15.79 14.96 26.56
C SER A 59 -16.82 14.99 25.45
N LEU A 60 -16.38 14.69 24.23
CA LEU A 60 -17.23 14.74 23.04
C LEU A 60 -18.43 13.84 23.15
N ASP A 61 -18.29 12.80 23.96
CA ASP A 61 -19.30 11.76 24.18
C ASP A 61 -20.23 12.08 25.35
N SER A 62 -19.84 13.04 26.17
CA SER A 62 -20.64 13.41 27.34
C SER A 62 -22.10 13.73 26.98
N PRO A 63 -23.06 13.25 27.80
CA PRO A 63 -24.42 13.74 27.56
C PRO A 63 -24.52 15.25 27.74
N THR A 64 -23.61 15.80 28.56
CA THR A 64 -23.52 17.24 28.88
C THR A 64 -22.76 18.04 27.83
N TYR A 65 -22.16 17.34 26.87
CA TYR A 65 -21.38 18.00 25.87
C TYR A 65 -22.25 19.06 25.31
N VAL A 66 -21.63 20.21 25.08
CA VAL A 66 -22.27 21.37 24.56
C VAL A 66 -21.45 21.89 23.38
N LEU A 67 -22.11 22.39 22.36
CA LEU A 67 -21.41 22.92 21.22
C LEU A 67 -20.61 24.16 21.61
N TYR A 68 -19.49 24.37 20.92
CA TYR A 68 -18.58 25.47 21.25
C TYR A 68 -19.27 26.81 21.08
N ARG A 69 -20.10 26.89 20.07
CA ARG A 69 -20.91 28.09 19.78
C ARG A 69 -21.91 28.43 20.90
N ASP A 70 -22.15 27.48 21.79
CA ASP A 70 -23.04 27.69 22.91
C ASP A 70 -22.25 27.90 24.19
N ARG A 71 -20.91 27.88 24.10
CA ARG A 71 -20.03 27.98 25.28
C ARG A 71 -19.68 29.44 25.62
N ALA A 72 -19.79 29.78 26.90
CA ALA A 72 -19.43 31.12 27.41
C ALA A 72 -17.95 31.44 27.19
N GLU A 73 -17.08 30.56 27.70
CA GLU A 73 -15.64 30.54 27.39
C GLU A 73 -15.24 31.02 26.01
N TRP A 74 -16.10 30.82 25.01
CA TRP A 74 -15.75 31.02 23.63
C TRP A 74 -16.40 32.19 22.95
N ALA A 75 -17.06 33.07 23.72
CA ALA A 75 -17.91 34.16 23.15
C ALA A 75 -17.11 35.20 22.38
N ASP A 76 -15.93 35.54 22.88
CA ASP A 76 -15.15 36.57 22.27
C ASP A 76 -14.75 36.18 20.87
N ILE A 77 -14.72 34.89 20.55
CA ILE A 77 -14.20 34.46 19.24
C ILE A 77 -15.32 34.03 18.28
N ASP A 78 -15.20 34.54 17.06
CA ASP A 78 -16.12 34.20 16.00
C ASP A 78 -15.60 32.99 15.22
N PRO A 79 -16.40 31.93 15.11
CA PRO A 79 -16.08 30.80 14.25
C PRO A 79 -15.71 31.18 12.83
N VAL A 80 -14.81 30.42 12.22
CA VAL A 80 -14.43 30.64 10.83
C VAL A 80 -15.04 29.49 10.01
N PRO A 81 -16.11 29.79 9.22
CA PRO A 81 -16.72 28.74 8.41
C PRO A 81 -15.73 28.30 7.37
N GLN A 82 -15.91 27.10 6.83
CA GLN A 82 -14.97 26.59 5.84
C GLN A 82 -15.18 27.26 4.53
N ASN A 83 -14.08 27.73 3.95
CA ASN A 83 -14.08 28.38 2.65
C ASN A 83 -14.08 27.31 1.53
N ASP A 84 -15.27 26.74 1.28
CA ASP A 84 -15.48 25.65 0.29
C ASP A 84 -15.84 26.21 -1.07
N GLY A 85 -16.19 27.48 -1.12
CA GLY A 85 -16.42 28.18 -2.39
C GLY A 85 -17.88 28.24 -2.82
N PRO A 86 -18.16 28.94 -3.94
CA PRO A 86 -19.53 29.14 -4.44
C PRO A 86 -20.27 27.86 -4.78
N SER A 87 -19.55 26.85 -5.26
CA SER A 87 -20.15 25.62 -5.76
C SER A 87 -19.22 24.44 -5.45
N PRO A 88 -19.26 23.96 -4.20
CA PRO A 88 -18.38 22.92 -3.68
C PRO A 88 -18.38 21.58 -4.42
N VAL A 89 -17.22 20.91 -4.41
CA VAL A 89 -17.09 19.52 -4.81
C VAL A 89 -16.61 18.74 -3.61
N VAL A 90 -16.81 17.44 -3.67
CA VAL A 90 -16.54 16.54 -2.53
C VAL A 90 -16.81 17.23 -1.21
N GLN A 91 -17.92 17.94 -1.16
CA GLN A 91 -18.34 18.63 0.06
C GLN A 91 -18.89 17.60 0.99
N ILE A 92 -18.33 17.52 2.19
CA ILE A 92 -18.74 16.52 3.16
C ILE A 92 -19.84 17.13 4.00
N ILE A 93 -20.90 16.37 4.25
CA ILE A 93 -21.99 16.87 5.07
C ILE A 93 -21.68 16.54 6.51
N TYR A 94 -20.95 17.44 7.12
CA TYR A 94 -20.53 17.23 8.48
C TYR A 94 -21.70 17.23 9.46
N SER A 95 -21.58 16.41 10.50
CA SER A 95 -22.43 16.50 11.68
C SER A 95 -22.27 17.91 12.24
N GLU A 96 -23.26 18.41 12.97
CA GLU A 96 -23.20 19.79 13.46
C GLU A 96 -22.05 19.93 14.42
N LYS A 97 -21.85 18.87 15.21
CA LYS A 97 -20.75 18.75 16.15
C LYS A 97 -19.36 18.88 15.49
N PHE A 98 -19.15 18.16 14.40
CA PHE A 98 -17.89 18.19 13.67
C PHE A 98 -17.68 19.58 13.13
N ARG A 99 -18.70 20.10 12.47
CA ARG A 99 -18.65 21.43 11.90
C ARG A 99 -18.30 22.52 12.89
N ASP A 100 -18.86 22.39 14.09
CA ASP A 100 -18.70 23.33 15.18
C ASP A 100 -17.27 23.34 15.71
N VAL A 101 -16.72 22.17 16.04
CA VAL A 101 -15.32 22.10 16.50
C VAL A 101 -14.39 22.72 15.47
N TYR A 102 -14.59 22.35 14.21
CA TYR A 102 -13.66 22.71 13.17
C TYR A 102 -13.85 24.14 12.74
N ASP A 103 -15.05 24.69 12.96
CA ASP A 103 -15.22 26.13 12.76
C ASP A 103 -14.39 26.91 13.74
N TYR A 104 -14.35 26.45 14.99
CA TYR A 104 -13.58 27.08 16.05
C TYR A 104 -12.08 26.75 15.94
N PHE A 105 -11.75 25.58 15.40
CA PHE A 105 -10.36 25.24 15.24
C PHE A 105 -9.75 26.19 14.23
N ARG A 106 -10.40 26.32 13.09
CA ARG A 106 -10.06 27.37 12.13
C ARG A 106 -9.90 28.75 12.73
N ALA A 107 -10.75 29.12 13.68
CA ALA A 107 -10.62 30.41 14.32
C ALA A 107 -9.32 30.48 15.12
N VAL A 108 -9.04 29.49 15.98
CA VAL A 108 -7.82 29.51 16.80
C VAL A 108 -6.55 29.35 15.97
N LEU A 109 -6.65 28.63 14.85
CA LEU A 109 -5.54 28.50 13.95
C LEU A 109 -5.24 29.82 13.23
N GLN A 110 -6.25 30.43 12.60
CA GLN A 110 -5.96 31.65 11.85
C GLN A 110 -5.45 32.74 12.79
N ARG A 111 -5.96 32.78 14.02
CA ARG A 111 -5.47 33.77 14.99
C ARG A 111 -4.14 33.38 15.62
N ASP A 112 -3.76 32.12 15.45
CA ASP A 112 -2.61 31.53 16.13
C ASP A 112 -2.69 31.81 17.61
N GLU A 113 -3.83 31.44 18.18
CA GLU A 113 -4.08 31.59 19.59
C GLU A 113 -3.44 30.44 20.38
N ARG A 114 -2.43 30.78 21.17
CA ARG A 114 -1.69 29.82 21.96
C ARG A 114 -2.31 29.73 23.34
N SER A 115 -3.47 29.12 23.49
CA SER A 115 -4.12 29.17 24.78
C SER A 115 -4.50 27.81 25.30
N GLU A 116 -4.83 27.78 26.57
CA GLU A 116 -5.29 26.57 27.15
C GLU A 116 -6.60 26.10 26.50
N ARG A 117 -7.45 27.05 26.11
CA ARG A 117 -8.66 26.67 25.42
C ARG A 117 -8.36 26.16 23.98
N ALA A 118 -7.39 26.72 23.27
CA ALA A 118 -7.09 26.21 21.90
C ALA A 118 -6.58 24.76 22.04
N PHE A 119 -5.80 24.55 23.07
CA PHE A 119 -5.24 23.19 23.39
C PHE A 119 -6.29 22.13 23.58
N LYS A 120 -7.31 22.49 24.36
CA LYS A 120 -8.39 21.56 24.64
C LYS A 120 -9.25 21.32 23.42
N LEU A 121 -9.39 22.37 22.63
CA LEU A 121 -10.12 22.24 21.39
C LEU A 121 -9.41 21.26 20.42
N THR A 122 -8.08 21.19 20.46
CA THR A 122 -7.37 20.23 19.56
C THR A 122 -7.73 18.80 19.92
N ARG A 123 -8.04 18.59 21.17
CA ARG A 123 -8.35 17.27 21.63
C ARG A 123 -9.59 16.79 20.97
N ASP A 124 -10.60 17.64 20.90
CA ASP A 124 -11.86 17.24 20.31
C ASP A 124 -11.71 17.13 18.83
N ALA A 125 -10.99 18.10 18.23
CA ALA A 125 -10.79 18.12 16.81
C ALA A 125 -10.10 16.83 16.39
N ILE A 126 -9.19 16.34 17.24
CA ILE A 126 -8.48 15.10 16.96
C ILE A 126 -9.42 13.92 17.10
N GLU A 127 -10.19 13.89 18.17
CA GLU A 127 -11.08 12.80 18.33
C GLU A 127 -11.97 12.65 17.08
N LEU A 128 -12.40 13.76 16.52
CA LEU A 128 -13.29 13.73 15.38
C LEU A 128 -12.62 13.41 14.02
N ASN A 129 -11.35 13.74 13.86
CA ASN A 129 -10.60 13.35 12.67
C ASN A 129 -9.11 13.35 13.05
N ALA A 130 -8.65 12.18 13.43
CA ALA A 130 -7.35 12.00 13.94
C ALA A 130 -6.32 11.97 12.79
N ALA A 131 -6.77 11.81 11.55
CA ALA A 131 -5.91 12.03 10.37
C ALA A 131 -5.66 13.48 10.02
N ASN A 132 -6.18 14.44 10.80
CA ASN A 132 -5.97 15.83 10.49
C ASN A 132 -4.62 16.30 11.05
N TYR A 133 -3.63 16.26 10.17
CA TYR A 133 -2.23 16.57 10.49
C TYR A 133 -2.12 18.11 10.73
N THR A 134 -3.01 18.96 10.19
CA THR A 134 -2.96 20.37 10.58
C THR A 134 -3.26 20.50 12.06
N VAL A 135 -4.22 19.74 12.56
CA VAL A 135 -4.53 19.85 14.03
C VAL A 135 -3.38 19.36 14.85
N TRP A 136 -2.91 18.17 14.55
CA TRP A 136 -1.74 17.64 15.26
C TRP A 136 -0.60 18.63 15.25
N HIS A 137 -0.38 19.32 14.12
CA HIS A 137 0.71 20.27 14.07
C HIS A 137 0.49 21.36 15.08
N PHE A 138 -0.72 21.90 15.07
CA PHE A 138 -1.07 22.98 15.98
C PHE A 138 -1.01 22.51 17.42
N ARG A 139 -1.47 21.30 17.69
CA ARG A 139 -1.31 20.77 19.04
C ARG A 139 0.12 20.74 19.53
N ARG A 140 1.06 20.36 18.68
CA ARG A 140 2.47 20.35 19.11
C ARG A 140 3.03 21.74 19.26
N VAL A 141 2.64 22.64 18.39
CA VAL A 141 2.94 24.07 18.66
C VAL A 141 2.41 24.45 20.05
N LEU A 142 1.23 23.97 20.40
CA LEU A 142 0.64 24.35 21.71
C LEU A 142 1.31 23.65 22.92
N LEU A 143 1.67 22.38 22.79
CA LEU A 143 2.43 21.70 23.84
C LEU A 143 3.72 22.41 24.22
N ARG A 144 4.44 22.85 23.19
CA ARG A 144 5.65 23.64 23.34
C ARG A 144 5.43 25.08 23.82
N SER A 145 4.43 25.80 23.33
CA SER A 145 4.24 27.20 23.80
C SER A 145 3.74 27.24 25.23
N LEU A 146 2.76 26.40 25.51
CA LEU A 146 2.11 26.39 26.82
C LEU A 146 2.95 25.66 27.85
N GLN A 147 4.07 25.07 27.41
CA GLN A 147 4.90 24.27 28.30
C GLN A 147 4.11 23.19 29.07
N LYS A 148 3.43 22.36 28.28
CA LYS A 148 2.61 21.30 28.78
C LYS A 148 3.49 20.16 29.22
N ASP A 149 3.09 19.50 30.31
CA ASP A 149 3.80 18.36 30.85
C ASP A 149 3.66 17.21 29.85
N LEU A 150 4.78 16.76 29.30
CA LEU A 150 4.77 15.82 28.19
C LEU A 150 4.48 14.39 28.61
N GLN A 151 4.56 14.08 29.90
CA GLN A 151 4.08 12.78 30.33
C GLN A 151 2.58 12.70 30.30
N GLU A 152 1.92 13.80 30.65
CA GLU A 152 0.49 13.84 30.56
C GLU A 152 0.05 13.72 29.10
N GLU A 153 0.76 14.40 28.21
CA GLU A 153 0.52 14.25 26.80
C GLU A 153 0.80 12.82 26.32
N MET A 154 1.86 12.21 26.86
CA MET A 154 2.17 10.80 26.59
C MET A 154 1.10 9.89 27.06
N ASN A 155 0.52 10.17 28.21
CA ASN A 155 -0.69 9.48 28.66
C ASN A 155 -1.87 9.61 27.73
N TYR A 156 -2.17 10.82 27.33
CA TYR A 156 -3.18 11.04 26.31
C TYR A 156 -2.98 10.18 25.03
N ILE A 157 -1.79 10.19 24.43
CA ILE A 157 -1.53 9.49 23.16
C ILE A 157 -1.58 7.96 23.31
N ILE A 158 -1.09 7.48 24.44
CA ILE A 158 -1.32 6.07 24.79
C ILE A 158 -2.78 5.78 24.56
N ALA A 159 -3.64 6.53 25.24
CA ALA A 159 -5.10 6.31 25.14
C ALA A 159 -5.64 6.42 23.71
N ILE A 160 -5.22 7.42 22.97
CA ILE A 160 -5.73 7.58 21.60
C ILE A 160 -5.29 6.44 20.65
N ILE A 161 -4.05 5.98 20.77
CA ILE A 161 -3.54 4.87 19.92
C ILE A 161 -4.30 3.61 20.24
N GLU A 162 -4.46 3.36 21.51
CA GLU A 162 -5.32 2.30 22.03
C GLU A 162 -6.70 2.28 21.34
N GLU A 163 -7.29 3.46 21.12
CA GLU A 163 -8.58 3.60 20.45
C GLU A 163 -8.48 3.57 18.90
N GLN A 164 -7.42 4.15 18.34
CA GLN A 164 -7.23 4.20 16.89
C GLN A 164 -5.83 3.76 16.49
N PRO A 165 -5.56 2.47 16.66
CA PRO A 165 -4.17 2.03 16.48
C PRO A 165 -3.74 2.04 15.03
N LYS A 166 -4.68 2.18 14.09
CA LYS A 166 -4.31 2.14 12.66
C LYS A 166 -4.12 3.53 12.06
N ASN A 167 -4.07 4.54 12.91
CA ASN A 167 -3.89 5.88 12.43
C ASN A 167 -2.42 6.22 12.50
N TYR A 168 -1.93 6.83 11.45
CA TYR A 168 -0.52 7.11 11.32
C TYR A 168 -0.07 8.31 12.19
N GLN A 169 -0.91 9.34 12.21
CA GLN A 169 -0.59 10.59 12.90
C GLN A 169 -0.33 10.35 14.35
N VAL A 170 -1.07 9.42 14.92
CA VAL A 170 -1.08 9.22 16.37
C VAL A 170 0.26 8.62 16.82
N TRP A 171 0.74 7.64 16.08
CA TRP A 171 2.10 7.10 16.22
C TRP A 171 3.15 8.10 15.93
N HIS A 172 2.96 8.93 14.92
CA HIS A 172 3.92 9.97 14.69
C HIS A 172 4.03 10.86 15.89
N HIS A 173 2.90 11.24 16.44
CA HIS A 173 2.89 12.10 17.62
C HIS A 173 3.61 11.46 18.79
N ARG A 174 3.44 10.16 18.97
CA ARG A 174 4.16 9.47 20.05
C ARG A 174 5.69 9.42 19.91
N ARG A 175 6.18 9.16 18.70
CA ARG A 175 7.60 9.29 18.39
C ARG A 175 8.15 10.66 18.76
N VAL A 176 7.49 11.70 18.31
CA VAL A 176 7.90 13.06 18.62
C VAL A 176 8.04 13.23 20.11
N LEU A 177 7.08 12.73 20.89
CA LEU A 177 7.13 12.92 22.34
C LEU A 177 8.28 12.13 22.87
N VAL A 178 8.46 10.93 22.37
CA VAL A 178 9.55 10.10 22.87
C VAL A 178 10.84 10.81 22.58
N GLU A 179 10.97 11.39 21.39
CA GLU A 179 12.18 12.11 21.09
C GLU A 179 12.33 13.38 21.94
N TRP A 180 11.21 14.01 22.31
CA TRP A 180 11.31 15.26 23.09
C TRP A 180 11.81 14.99 24.50
N LEU A 181 11.21 13.97 25.08
CA LEU A 181 11.57 13.43 26.38
C LEU A 181 12.87 12.61 26.38
N LYS A 182 13.32 12.18 25.21
CA LYS A 182 14.44 11.23 25.14
C LYS A 182 14.17 10.07 26.14
N ASP A 183 12.93 9.58 26.26
CA ASP A 183 12.61 8.48 27.18
C ASP A 183 11.82 7.36 26.49
N PRO A 184 12.49 6.22 26.22
CA PRO A 184 11.87 5.02 25.63
C PRO A 184 11.24 4.03 26.62
N SER A 185 11.25 4.34 27.90
CA SER A 185 11.02 3.36 28.95
C SER A 185 9.66 2.71 28.97
N GLN A 186 8.66 3.40 28.46
CA GLN A 186 7.30 2.89 28.41
C GLN A 186 6.93 2.14 27.12
N GLU A 187 7.80 2.22 26.11
CA GLU A 187 7.42 1.90 24.73
C GLU A 187 7.15 0.44 24.48
N LEU A 188 8.13 -0.39 24.76
CA LEU A 188 8.02 -1.83 24.48
C LEU A 188 6.85 -2.47 25.19
N GLU A 189 6.68 -2.19 26.47
CA GLU A 189 5.45 -2.60 27.10
C GLU A 189 4.21 -2.00 26.41
N PHE A 190 4.27 -0.73 26.01
CA PHE A 190 3.10 -0.10 25.36
C PHE A 190 2.82 -0.80 24.02
N ILE A 191 3.84 -0.86 23.17
CA ILE A 191 3.68 -1.49 21.89
C ILE A 191 3.28 -2.93 22.06
N ALA A 192 3.88 -3.65 23.02
CA ALA A 192 3.45 -5.03 23.27
C ALA A 192 1.95 -5.13 23.49
N ASP A 193 1.36 -4.21 24.27
CA ASP A 193 -0.11 -4.18 24.47
C ASP A 193 -0.94 -3.99 23.18
N ILE A 194 -0.44 -3.15 22.25
CA ILE A 194 -1.16 -2.94 20.98
C ILE A 194 -1.03 -4.23 20.19
N LEU A 195 0.16 -4.80 20.16
CA LEU A 195 0.38 -6.07 19.45
C LEU A 195 -0.41 -7.26 20.02
N ASN A 196 -0.75 -7.19 21.29
CA ASN A 196 -1.56 -8.19 21.93
C ASN A 196 -2.97 -8.14 21.43
N GLN A 197 -3.42 -7.02 20.87
CA GLN A 197 -4.75 -6.96 20.28
C GLN A 197 -4.75 -7.05 18.75
N ASP A 198 -3.70 -6.59 18.07
CA ASP A 198 -3.54 -6.80 16.61
C ASP A 198 -2.05 -6.97 16.35
N ALA A 199 -1.63 -8.20 16.13
CA ALA A 199 -0.21 -8.52 16.20
C ALA A 199 0.50 -8.22 14.91
N LYS A 200 -0.23 -7.70 13.92
CA LYS A 200 0.33 -7.35 12.64
C LYS A 200 0.13 -5.86 12.33
N ASN A 201 -0.20 -5.08 13.34
CA ASN A 201 -0.30 -3.65 13.13
C ASN A 201 1.03 -3.06 12.65
N TYR A 202 0.98 -2.51 11.43
CA TYR A 202 2.16 -2.07 10.73
C TYR A 202 2.84 -0.93 11.51
N HIS A 203 2.07 0.02 12.02
CA HIS A 203 2.64 1.19 12.62
C HIS A 203 3.30 0.80 13.90
N ALA A 204 2.64 -0.08 14.64
CA ALA A 204 3.16 -0.65 15.89
C ALA A 204 4.52 -1.34 15.65
N TRP A 205 4.67 -2.06 14.53
CA TRP A 205 6.00 -2.66 14.20
C TRP A 205 6.98 -1.63 13.84
N GLN A 206 6.54 -0.60 13.10
CA GLN A 206 7.39 0.49 12.69
C GLN A 206 7.87 1.36 13.85
N HIS A 207 6.98 1.65 14.79
CA HIS A 207 7.38 2.30 16.03
C HIS A 207 8.35 1.38 16.88
N ARG A 208 8.05 0.09 17.01
CA ARG A 208 9.00 -0.84 17.67
C ARG A 208 10.41 -0.85 17.02
N GLN A 209 10.47 -1.09 15.73
CA GLN A 209 11.74 -0.93 15.05
C GLN A 209 12.44 0.40 15.32
N TRP A 210 11.68 1.48 15.33
CA TRP A 210 12.28 2.77 15.51
C TRP A 210 12.83 2.86 16.92
N VAL A 211 12.03 2.49 17.87
CA VAL A 211 12.43 2.63 19.25
C VAL A 211 13.71 1.84 19.39
N ILE A 212 13.65 0.54 19.11
CA ILE A 212 14.76 -0.42 19.33
C ILE A 212 16.03 0.12 18.73
N GLN A 213 16.00 0.57 17.47
CA GLN A 213 17.19 1.15 16.83
C GLN A 213 17.72 2.39 17.53
N GLU A 214 16.91 3.43 17.55
CA GLU A 214 17.31 4.75 18.03
C GLU A 214 17.89 4.80 19.44
N PHE A 215 17.43 3.91 20.30
CA PHE A 215 17.90 3.82 21.66
C PHE A 215 18.56 2.47 21.99
N ARG A 216 18.73 1.61 21.01
CA ARG A 216 19.53 0.39 21.14
C ARG A 216 18.98 -0.55 22.21
N LEU A 217 17.73 -0.98 22.02
CA LEU A 217 17.01 -1.79 23.02
C LEU A 217 16.75 -3.21 22.52
N TRP A 218 17.84 -3.84 22.08
CA TRP A 218 17.77 -5.10 21.37
C TRP A 218 17.59 -6.30 22.29
N ASP A 219 18.08 -6.20 23.50
CA ASP A 219 18.51 -7.38 24.23
C ASP A 219 17.43 -8.40 24.53
N ASN A 220 16.15 -8.02 24.51
CA ASN A 220 15.08 -8.96 24.87
C ASN A 220 14.03 -9.19 23.77
N GLU A 221 14.42 -8.88 22.54
CA GLU A 221 13.48 -8.80 21.41
C GLU A 221 13.26 -10.13 20.69
N LEU A 222 14.34 -10.88 20.47
CA LEU A 222 14.23 -12.24 19.94
C LEU A 222 13.41 -13.08 20.93
N GLN A 223 13.55 -12.82 22.21
CA GLN A 223 12.62 -13.41 23.15
C GLN A 223 11.17 -13.01 22.86
N TYR A 224 10.96 -11.76 22.46
CA TYR A 224 9.62 -11.32 22.12
C TYR A 224 9.20 -12.07 20.88
N VAL A 225 10.04 -12.09 19.85
CA VAL A 225 9.75 -12.88 18.65
C VAL A 225 9.19 -14.29 19.03
N ASP A 226 10.05 -15.09 19.66
CA ASP A 226 9.73 -16.46 20.02
C ASP A 226 8.40 -16.53 20.68
N GLN A 227 8.19 -15.64 21.64
CA GLN A 227 6.90 -15.60 22.34
C GLN A 227 5.81 -15.59 21.28
N LEU A 228 5.90 -14.59 20.39
CA LEU A 228 4.85 -14.29 19.44
C LEU A 228 4.76 -15.35 18.36
N LEU A 229 5.90 -15.76 17.81
CA LEU A 229 5.90 -16.87 16.84
C LEU A 229 5.19 -18.10 17.36
N LYS A 230 5.29 -18.34 18.66
CA LYS A 230 4.66 -19.48 19.30
C LYS A 230 3.16 -19.24 19.56
N GLU A 231 2.77 -17.96 19.58
CA GLU A 231 1.35 -17.64 19.64
C GLU A 231 0.72 -17.88 18.26
N ASP A 232 1.39 -17.38 17.22
CA ASP A 232 0.96 -17.52 15.82
C ASP A 232 2.20 -17.60 14.91
N VAL A 233 2.53 -18.80 14.50
CA VAL A 233 3.73 -19.01 13.69
C VAL A 233 3.54 -18.47 12.27
N ARG A 234 2.28 -18.19 11.90
CA ARG A 234 1.98 -17.62 10.58
C ARG A 234 2.12 -16.09 10.47
N ASN A 235 2.58 -15.42 11.54
CA ASN A 235 2.61 -13.96 11.52
C ASN A 235 3.86 -13.46 10.84
N ASN A 236 3.70 -12.93 9.62
CA ASN A 236 4.83 -12.50 8.82
C ASN A 236 5.52 -11.27 9.36
N SER A 237 4.83 -10.51 10.20
CA SER A 237 5.45 -9.35 10.88
C SER A 237 6.47 -9.82 11.89
N VAL A 238 6.21 -10.95 12.52
CA VAL A 238 7.09 -11.50 13.54
C VAL A 238 8.31 -12.19 12.92
N TRP A 239 8.14 -12.79 11.73
CA TRP A 239 9.26 -13.34 10.96
C TRP A 239 10.12 -12.21 10.52
N ASN A 240 9.48 -11.18 10.00
CA ASN A 240 10.20 -10.03 9.59
C ASN A 240 10.98 -9.38 10.72
N GLN A 241 10.44 -9.42 11.93
CA GLN A 241 11.11 -8.79 13.06
C GLN A 241 12.31 -9.65 13.43
N ARG A 242 12.10 -10.97 13.47
CA ARG A 242 13.20 -11.92 13.73
C ARG A 242 14.40 -11.58 12.88
N HIS A 243 14.13 -11.32 11.61
CA HIS A 243 15.15 -10.95 10.69
C HIS A 243 15.71 -9.58 10.96
N PHE A 244 14.87 -8.69 11.46
CA PHE A 244 15.31 -7.34 11.78
C PHE A 244 16.31 -7.39 12.94
N VAL A 245 16.01 -8.15 13.96
CA VAL A 245 16.91 -8.24 15.07
C VAL A 245 18.25 -8.84 14.60
N ILE A 246 18.21 -10.13 14.26
CA ILE A 246 19.40 -10.91 13.87
C ILE A 246 20.31 -10.10 12.96
N SER A 247 19.84 -9.66 11.83
CA SER A 247 20.66 -8.82 11.02
C SER A 247 21.08 -7.52 11.68
N ASN A 248 20.53 -7.19 12.83
CA ASN A 248 21.01 -5.97 13.44
C ASN A 248 21.83 -6.23 14.65
N THR A 249 21.80 -7.45 15.16
CA THR A 249 22.67 -7.83 16.26
C THR A 249 23.86 -8.70 15.82
N THR A 250 23.63 -9.97 15.60
CA THR A 250 24.67 -10.99 15.52
C THR A 250 24.90 -10.95 14.05
N GLY A 251 23.97 -11.45 13.28
CA GLY A 251 24.12 -11.38 11.84
C GLY A 251 23.77 -12.70 11.26
N TYR A 252 23.72 -12.81 9.96
CA TYR A 252 23.51 -14.13 9.36
C TYR A 252 24.80 -14.64 8.74
N SER A 253 25.54 -13.76 8.01
CA SER A 253 26.79 -14.10 7.28
C SER A 253 27.89 -14.56 8.22
N ASP A 254 27.66 -14.42 9.52
CA ASP A 254 28.09 -15.41 10.50
C ASP A 254 27.88 -16.82 9.93
N ARG A 255 28.50 -17.83 10.55
CA ARG A 255 28.34 -19.25 10.15
C ARG A 255 27.54 -20.07 11.17
N ALA A 256 27.62 -19.69 12.44
CA ALA A 256 27.10 -20.51 13.53
C ALA A 256 25.63 -20.24 13.79
N VAL A 257 25.19 -18.99 13.55
CA VAL A 257 23.79 -18.58 13.74
C VAL A 257 22.95 -18.86 12.50
N LEU A 258 23.49 -18.60 11.30
CA LEU A 258 22.84 -18.91 10.02
C LEU A 258 22.25 -20.30 9.99
N GLU A 259 22.22 -20.95 11.15
CA GLU A 259 22.27 -22.38 11.26
C GLU A 259 21.38 -22.83 12.42
N ARG A 260 21.35 -22.07 13.52
CA ARG A 260 20.23 -22.13 14.46
C ARG A 260 18.99 -21.58 13.75
N GLU A 261 19.22 -20.64 12.83
CA GLU A 261 18.16 -20.00 12.06
C GLU A 261 17.64 -20.97 11.03
N VAL A 262 18.45 -21.25 10.00
CA VAL A 262 18.13 -22.28 9.00
C VAL A 262 17.52 -23.46 9.71
N GLN A 263 18.15 -23.88 10.80
CA GLN A 263 17.58 -24.97 11.59
C GLN A 263 16.13 -24.71 11.86
N TYR A 264 15.87 -23.77 12.78
CA TYR A 264 14.54 -23.53 13.40
C TYR A 264 13.38 -23.39 12.40
N THR A 265 13.63 -22.73 11.29
CA THR A 265 12.65 -22.55 10.19
C THR A 265 12.15 -23.94 9.74
N LEU A 266 13.07 -24.82 9.33
CA LEU A 266 12.72 -26.21 8.95
C LEU A 266 11.87 -26.92 10.00
N GLU A 267 12.13 -26.65 11.28
CA GLU A 267 11.34 -27.30 12.33
C GLU A 267 9.90 -26.74 12.43
N MET A 268 9.71 -25.48 12.02
CA MET A 268 8.37 -24.91 11.95
C MET A 268 7.68 -25.41 10.70
N ILE A 269 8.38 -25.31 9.58
CA ILE A 269 7.89 -25.82 8.30
C ILE A 269 7.55 -27.31 8.38
N LYS A 270 8.10 -28.05 9.34
CA LYS A 270 7.66 -29.43 9.57
C LYS A 270 6.33 -29.41 10.29
N LEU A 271 6.18 -28.54 11.28
CA LEU A 271 4.93 -28.44 12.02
C LEU A 271 3.81 -27.91 11.14
N VAL A 272 4.13 -26.92 10.31
CA VAL A 272 3.13 -26.26 9.45
C VAL A 272 3.74 -26.10 8.07
N PRO A 273 3.77 -27.21 7.28
CA PRO A 273 4.32 -27.23 5.92
C PRO A 273 3.76 -26.21 4.96
N HIS A 274 2.48 -25.86 5.10
CA HIS A 274 1.90 -24.78 4.26
C HIS A 274 1.83 -23.50 5.07
N ASN A 275 3.00 -23.05 5.51
CA ASN A 275 3.18 -21.73 6.09
C ASN A 275 4.14 -21.00 5.23
N GLU A 276 3.63 -20.13 4.38
CA GLU A 276 4.47 -19.44 3.43
C GLU A 276 5.56 -18.60 4.13
N SER A 277 5.27 -18.12 5.33
CA SER A 277 6.17 -17.17 6.01
C SER A 277 7.58 -17.76 6.25
N ALA A 278 7.61 -18.89 6.96
CA ALA A 278 8.84 -19.74 7.13
C ALA A 278 9.65 -19.98 5.84
N TRP A 279 8.95 -20.42 4.79
CA TRP A 279 9.56 -20.66 3.51
C TRP A 279 10.18 -19.41 2.99
N ASN A 280 9.48 -18.28 3.09
CA ASN A 280 10.11 -17.05 2.65
C ASN A 280 11.27 -16.70 3.59
N TYR A 281 11.11 -16.97 4.88
CA TYR A 281 12.23 -16.73 5.78
C TYR A 281 13.46 -17.58 5.39
N LEU A 282 13.32 -18.90 5.45
CA LEU A 282 14.37 -19.86 4.98
C LEU A 282 14.97 -19.44 3.66
N LYS A 283 14.12 -19.18 2.69
CA LYS A 283 14.59 -18.63 1.43
C LYS A 283 15.30 -17.31 1.65
N GLY A 284 14.80 -16.52 2.60
CA GLY A 284 15.34 -15.17 2.82
C GLY A 284 16.77 -15.19 3.29
N ILE A 285 17.05 -16.01 4.30
CA ILE A 285 18.36 -16.07 4.96
C ILE A 285 19.45 -16.88 4.22
N LEU A 286 19.14 -17.40 3.02
CA LEU A 286 20.08 -18.16 2.15
C LEU A 286 20.30 -17.58 0.75
N GLN A 287 19.24 -17.05 0.15
CA GLN A 287 19.21 -16.66 -1.27
C GLN A 287 20.34 -15.70 -1.72
N ASP A 288 20.88 -14.94 -0.77
CA ASP A 288 21.88 -13.93 -1.08
C ASP A 288 23.31 -14.45 -0.94
N ARG A 289 23.47 -15.58 -0.25
CA ARG A 289 24.70 -16.37 -0.29
C ARG A 289 24.71 -17.23 -1.56
N GLY A 290 23.54 -17.74 -1.92
CA GLY A 290 23.36 -18.73 -2.97
C GLY A 290 22.79 -19.97 -2.28
N LEU A 291 21.63 -20.45 -2.74
CA LEU A 291 21.03 -21.64 -2.13
C LEU A 291 21.84 -22.90 -2.45
N SER A 292 22.65 -22.82 -3.51
CA SER A 292 23.41 -23.95 -4.03
C SER A 292 24.76 -24.12 -3.32
N ARG A 293 25.02 -23.27 -2.33
CA ARG A 293 26.24 -23.39 -1.55
C ARG A 293 25.94 -24.23 -0.33
N TYR A 294 24.67 -24.56 -0.18
CA TYR A 294 24.19 -25.52 0.79
C TYR A 294 23.63 -26.74 0.06
N PRO A 295 24.48 -27.76 -0.18
CA PRO A 295 24.04 -28.93 -0.94
C PRO A 295 23.17 -29.90 -0.16
N ASN A 296 23.35 -29.97 1.16
CA ASN A 296 22.48 -30.78 2.00
C ASN A 296 21.04 -30.34 2.03
N LEU A 297 20.79 -29.12 1.60
CA LEU A 297 19.48 -28.52 1.69
C LEU A 297 18.54 -29.31 0.78
N LEU A 298 18.93 -29.36 -0.50
CA LEU A 298 18.27 -30.13 -1.54
C LEU A 298 17.82 -31.52 -1.07
N ASN A 299 18.78 -32.36 -0.71
CA ASN A 299 18.46 -33.72 -0.25
C ASN A 299 17.46 -33.67 0.90
N GLN A 300 17.61 -32.72 1.81
CA GLN A 300 16.75 -32.67 3.01
C GLN A 300 15.31 -32.25 2.68
N LEU A 301 15.11 -31.50 1.59
CA LEU A 301 13.74 -31.17 1.16
C LEU A 301 13.14 -32.37 0.41
N LEU A 302 13.88 -32.88 -0.57
CA LEU A 302 13.57 -34.15 -1.26
C LEU A 302 13.22 -35.35 -0.35
N ASP A 303 13.38 -35.21 0.96
CA ASP A 303 12.83 -36.16 1.93
C ASP A 303 11.31 -36.01 2.05
N LEU A 304 10.85 -34.76 2.11
CA LEU A 304 9.46 -34.44 2.48
C LEU A 304 8.51 -34.26 1.26
N GLN A 305 9.04 -34.50 0.05
CA GLN A 305 8.24 -34.35 -1.17
C GLN A 305 7.05 -35.35 -1.16
N PRO A 306 7.29 -36.61 -0.77
CA PRO A 306 6.18 -37.54 -0.51
C PRO A 306 5.30 -37.27 0.73
N SER A 307 5.89 -36.88 1.86
CA SER A 307 5.11 -36.77 3.11
C SER A 307 4.60 -35.34 3.47
N HIS A 308 5.42 -34.32 3.22
CA HIS A 308 5.05 -32.94 3.54
C HIS A 308 4.92 -32.03 2.30
N SER A 309 4.44 -32.58 1.19
CA SER A 309 4.48 -31.83 -0.05
C SER A 309 3.70 -30.50 0.05
N SER A 310 4.07 -29.59 -0.84
CA SER A 310 3.50 -28.27 -0.89
C SER A 310 3.98 -27.69 -2.21
N PRO A 311 3.30 -26.64 -2.70
CA PRO A 311 3.87 -25.87 -3.82
C PRO A 311 5.07 -25.03 -3.40
N TYR A 312 5.21 -24.78 -2.09
CA TYR A 312 6.32 -23.97 -1.57
C TYR A 312 7.61 -24.77 -1.66
N LEU A 313 7.55 -26.03 -1.22
CA LEU A 313 8.67 -26.97 -1.42
C LEU A 313 9.12 -26.98 -2.88
N ILE A 314 8.20 -27.30 -3.78
CA ILE A 314 8.55 -27.39 -5.19
C ILE A 314 9.04 -26.07 -5.67
N ALA A 315 8.41 -25.01 -5.18
CA ALA A 315 8.79 -23.68 -5.59
C ALA A 315 10.23 -23.42 -5.15
N PHE A 316 10.54 -23.85 -3.93
CA PHE A 316 11.89 -23.71 -3.37
C PHE A 316 12.89 -24.59 -4.12
N LEU A 317 12.52 -25.84 -4.37
CA LEU A 317 13.39 -26.76 -5.16
C LEU A 317 13.85 -26.12 -6.45
N VAL A 318 12.95 -25.36 -7.08
CA VAL A 318 13.25 -24.67 -8.32
C VAL A 318 14.27 -23.56 -8.11
N ASP A 319 14.20 -22.84 -7.00
CA ASP A 319 15.15 -21.71 -6.80
C ASP A 319 16.59 -22.24 -6.71
N ILE A 320 16.75 -23.32 -5.96
CA ILE A 320 18.00 -24.08 -5.95
C ILE A 320 18.55 -24.38 -7.37
N TYR A 321 17.74 -24.96 -8.26
CA TYR A 321 18.28 -25.35 -9.58
C TYR A 321 18.74 -24.16 -10.38
N GLU A 322 18.03 -23.02 -10.24
CA GLU A 322 18.43 -21.79 -10.94
C GLU A 322 19.80 -21.40 -10.42
N ASP A 323 19.96 -21.31 -9.10
CA ASP A 323 21.26 -21.00 -8.49
C ASP A 323 22.30 -22.02 -8.94
N MET A 324 22.01 -23.31 -8.74
CA MET A 324 22.88 -24.39 -9.23
C MET A 324 23.34 -24.16 -10.66
N LEU A 325 22.38 -23.93 -11.55
CA LEU A 325 22.65 -23.69 -12.99
C LEU A 325 23.47 -22.45 -13.30
N GLU A 326 23.22 -21.41 -12.51
CA GLU A 326 23.82 -20.12 -12.69
C GLU A 326 25.30 -20.20 -12.38
N ASN A 327 25.63 -21.00 -11.37
CA ASN A 327 26.98 -21.48 -11.16
C ASN A 327 27.13 -22.67 -12.07
N GLN A 328 28.25 -22.89 -12.71
CA GLN A 328 28.25 -24.10 -13.50
C GLN A 328 28.25 -25.24 -12.51
N CYS A 329 27.20 -26.03 -12.41
CA CYS A 329 27.28 -27.11 -11.50
C CYS A 329 27.43 -28.36 -12.32
N ASP A 330 27.13 -29.50 -11.70
CA ASP A 330 27.23 -30.79 -12.37
C ASP A 330 25.88 -31.21 -12.95
N ASN A 331 25.82 -31.30 -14.28
CA ASN A 331 24.59 -31.69 -14.96
C ASN A 331 23.76 -30.49 -15.40
N LYS A 332 24.45 -29.45 -15.85
CA LYS A 332 23.79 -28.23 -16.31
C LYS A 332 22.61 -28.56 -17.21
N GLU A 333 22.87 -29.33 -18.28
CA GLU A 333 21.83 -29.72 -19.22
C GLU A 333 20.84 -30.69 -18.58
N ASP A 334 21.30 -31.40 -17.56
CA ASP A 334 20.45 -32.36 -16.85
C ASP A 334 19.52 -31.67 -15.86
N ILE A 335 20.11 -30.91 -14.94
CA ILE A 335 19.35 -30.18 -13.93
C ILE A 335 18.29 -29.31 -14.58
N LEU A 336 18.63 -28.73 -15.72
CA LEU A 336 17.69 -27.87 -16.46
C LEU A 336 16.37 -28.58 -16.71
N ASN A 337 16.37 -29.90 -16.56
CA ASN A 337 15.17 -30.70 -16.78
C ASN A 337 14.31 -30.78 -15.52
N LYS A 338 14.89 -31.32 -14.44
CA LYS A 338 14.18 -31.46 -13.18
C LYS A 338 13.43 -30.18 -12.82
N ALA A 339 13.98 -29.04 -13.24
CA ALA A 339 13.37 -27.74 -12.96
C ALA A 339 12.29 -27.38 -13.96
N LEU A 340 12.67 -27.32 -15.25
CA LEU A 340 11.70 -27.01 -16.33
C LEU A 340 10.44 -27.82 -16.14
N GLU A 341 10.64 -29.06 -15.72
CA GLU A 341 9.55 -29.93 -15.37
C GLU A 341 8.78 -29.22 -14.31
N LEU A 342 9.44 -28.97 -13.18
CA LEU A 342 8.77 -28.49 -11.98
C LEU A 342 8.00 -27.22 -12.22
N CYS A 343 8.47 -26.37 -13.12
CA CYS A 343 7.72 -25.21 -13.54
C CYS A 343 6.32 -25.55 -14.12
N GLU A 344 6.25 -26.58 -14.96
CA GLU A 344 4.97 -27.03 -15.48
C GLU A 344 4.13 -27.79 -14.44
N ILE A 345 4.74 -28.52 -13.53
CA ILE A 345 3.87 -29.09 -12.49
C ILE A 345 3.19 -27.93 -11.69
N LEU A 346 3.91 -26.83 -11.54
CA LEU A 346 3.44 -25.68 -10.81
C LEU A 346 2.41 -24.91 -11.66
N ALA A 347 2.79 -24.54 -12.88
CA ALA A 347 1.91 -23.79 -13.77
C ALA A 347 0.62 -24.52 -14.15
N LYS A 348 0.62 -25.86 -14.14
CA LYS A 348 -0.51 -26.64 -14.69
C LYS A 348 -1.31 -27.42 -13.67
N GLU A 349 -0.88 -27.46 -12.43
CA GLU A 349 -1.43 -28.46 -11.54
C GLU A 349 -1.43 -27.99 -10.09
N LYS A 350 -0.28 -27.57 -9.57
CA LYS A 350 -0.18 -27.24 -8.15
C LYS A 350 -0.16 -25.72 -7.83
N ASP A 351 0.12 -24.87 -8.81
CA ASP A 351 0.20 -23.42 -8.57
C ASP A 351 -0.21 -22.60 -9.75
N THR A 352 -1.45 -22.82 -10.20
CA THR A 352 -1.88 -22.26 -11.48
C THR A 352 -2.13 -20.75 -11.43
N ILE A 353 -2.35 -20.21 -10.23
CA ILE A 353 -2.54 -18.76 -10.08
C ILE A 353 -1.30 -18.02 -10.56
N ARG A 354 -0.15 -18.72 -10.46
CA ARG A 354 1.16 -18.21 -10.97
C ARG A 354 1.67 -18.77 -12.36
N LYS A 355 0.78 -19.32 -13.18
CA LYS A 355 1.17 -19.92 -14.46
C LYS A 355 2.00 -18.96 -15.29
N GLU A 356 1.60 -17.70 -15.28
CA GLU A 356 2.31 -16.72 -16.02
C GLU A 356 3.70 -16.51 -15.43
N TYR A 357 3.86 -16.73 -14.10
CA TYR A 357 5.17 -16.60 -13.46
C TYR A 357 6.07 -17.80 -13.85
N TRP A 358 5.56 -18.98 -13.53
CA TRP A 358 6.20 -20.25 -13.85
C TRP A 358 6.46 -20.47 -15.36
N ARG A 359 5.47 -20.34 -16.22
CA ARG A 359 5.80 -20.35 -17.68
C ARG A 359 6.99 -19.42 -17.99
N TYR A 360 7.11 -18.30 -17.30
CA TYR A 360 8.28 -17.42 -17.55
C TYR A 360 9.56 -17.95 -16.87
N ILE A 361 9.44 -18.66 -15.76
CA ILE A 361 10.63 -19.22 -15.06
C ILE A 361 11.26 -20.42 -15.79
N GLY A 362 10.40 -21.23 -16.36
CA GLY A 362 10.79 -22.37 -17.17
C GLY A 362 11.49 -21.91 -18.40
N ARG A 363 11.32 -20.66 -18.75
CA ARG A 363 11.73 -20.12 -20.03
C ARG A 363 12.82 -19.04 -20.07
N SER A 364 12.97 -18.26 -19.02
CA SER A 364 14.14 -17.38 -18.82
C SER A 364 15.37 -18.29 -18.65
N LEU A 365 15.16 -19.45 -18.02
CA LEU A 365 16.16 -20.49 -17.94
C LEU A 365 16.57 -20.88 -19.38
N GLN A 366 15.64 -21.47 -20.15
CA GLN A 366 15.94 -21.77 -21.54
C GLN A 366 16.69 -20.58 -22.15
N SER A 367 16.07 -19.41 -22.17
CA SER A 367 16.77 -18.21 -22.67
C SER A 367 18.26 -18.17 -22.30
N LYS A 368 18.60 -18.47 -21.04
CA LYS A 368 19.99 -18.33 -20.56
C LYS A 368 20.78 -19.64 -20.42
N HIS A 369 20.10 -20.75 -20.15
CA HIS A 369 20.79 -22.04 -20.00
C HIS A 369 20.53 -22.97 -21.20
N SER A 370 20.41 -22.39 -22.38
CA SER A 370 20.16 -23.15 -23.61
C SER A 370 21.40 -23.22 -24.50
N ARG A 371 21.42 -24.26 -25.34
CA ARG A 371 22.62 -24.78 -26.03
C ARG A 371 23.41 -25.69 -25.07
N GLU B 20 -13.45 -23.95 -18.15
CA GLU B 20 -14.89 -23.65 -18.40
C GLU B 20 -15.86 -22.97 -17.45
N PRO B 21 -16.24 -21.74 -17.82
CA PRO B 21 -15.29 -20.80 -18.41
C PRO B 21 -14.63 -19.91 -17.33
N LEU B 22 -15.24 -19.83 -16.15
CA LEU B 22 -14.74 -19.05 -15.01
C LEU B 22 -13.80 -19.91 -14.14
N TYR B 23 -12.57 -19.43 -14.00
CA TYR B 23 -11.52 -20.09 -13.21
C TYR B 23 -12.00 -20.47 -11.81
N SER B 24 -12.58 -19.48 -11.12
CA SER B 24 -13.00 -19.62 -9.72
C SER B 24 -14.14 -20.61 -9.51
N LEU B 25 -14.89 -20.89 -10.57
CA LEU B 25 -16.06 -21.75 -10.44
C LEU B 25 -15.74 -23.19 -10.79
N ARG B 26 -14.56 -23.44 -11.36
CA ARG B 26 -14.16 -24.78 -11.79
C ARG B 26 -14.10 -25.75 -10.62
N PRO B 27 -14.50 -27.00 -10.84
CA PRO B 27 -14.37 -27.96 -9.73
C PRO B 27 -12.94 -28.18 -9.20
N GLU B 28 -11.92 -28.06 -10.06
CA GLU B 28 -10.51 -28.19 -9.61
C GLU B 28 -10.21 -27.18 -8.47
N HIS B 29 -10.97 -26.09 -8.47
CA HIS B 29 -10.72 -24.97 -7.60
C HIS B 29 -10.95 -25.24 -6.12
N ALA B 30 -11.74 -26.26 -5.80
CA ALA B 30 -11.99 -26.63 -4.42
C ALA B 30 -10.69 -26.94 -3.70
N ARG B 31 -9.67 -27.29 -4.49
CA ARG B 31 -8.38 -27.72 -4.00
C ARG B 31 -7.54 -26.57 -3.50
N GLU B 32 -7.69 -25.41 -4.16
CA GLU B 32 -6.96 -24.20 -3.78
C GLU B 32 -7.43 -23.59 -2.43
N ARG B 33 -8.36 -24.25 -1.76
CA ARG B 33 -8.73 -23.87 -0.39
C ARG B 33 -7.58 -24.12 0.60
N LEU B 34 -7.71 -23.53 1.78
CA LEU B 34 -6.64 -23.43 2.75
C LEU B 34 -6.45 -24.75 3.47
N GLN B 35 -5.22 -25.28 3.44
CA GLN B 35 -4.86 -26.43 4.29
C GLN B 35 -4.22 -25.87 5.53
N ASP B 36 -4.89 -26.07 6.66
CA ASP B 36 -4.48 -25.47 7.91
C ASP B 36 -3.56 -26.40 8.72
N ASP B 37 -3.08 -27.46 8.08
CA ASP B 37 -2.08 -28.36 8.65
C ASP B 37 -2.53 -29.12 9.89
N SER B 38 -3.80 -28.93 10.26
CA SER B 38 -4.36 -29.18 11.58
C SER B 38 -3.96 -28.16 12.68
N VAL B 39 -3.12 -27.17 12.34
CA VAL B 39 -2.57 -26.22 13.31
C VAL B 39 -3.27 -24.86 13.18
N GLU B 40 -4.29 -24.65 14.01
CA GLU B 40 -5.05 -23.41 14.00
C GLU B 40 -4.36 -22.24 14.72
N THR B 41 -4.13 -21.14 14.00
CA THR B 41 -3.76 -19.86 14.61
C THR B 41 -4.79 -18.76 14.24
N VAL B 42 -4.57 -17.54 14.74
CA VAL B 42 -5.43 -16.39 14.35
C VAL B 42 -5.41 -16.22 12.85
N THR B 43 -4.21 -16.18 12.26
CA THR B 43 -4.00 -16.03 10.82
C THR B 43 -4.82 -17.02 10.01
N SER B 44 -4.89 -18.27 10.48
CA SER B 44 -5.50 -19.34 9.69
C SER B 44 -7.00 -19.26 9.80
N ILE B 45 -7.45 -19.06 11.03
CA ILE B 45 -8.86 -18.89 11.31
C ILE B 45 -9.45 -17.73 10.51
N GLU B 46 -8.75 -16.59 10.44
CA GLU B 46 -9.30 -15.44 9.73
C GLU B 46 -9.30 -15.61 8.22
N GLN B 47 -8.33 -16.33 7.67
CA GLN B 47 -8.32 -16.58 6.24
C GLN B 47 -9.47 -17.54 5.88
N ALA B 48 -9.69 -18.55 6.74
CA ALA B 48 -10.78 -19.50 6.51
C ALA B 48 -12.13 -18.83 6.50
N LYS B 49 -12.36 -17.93 7.45
CA LYS B 49 -13.54 -17.09 7.45
C LYS B 49 -13.76 -16.39 6.11
N VAL B 50 -12.68 -15.87 5.52
CA VAL B 50 -12.76 -15.10 4.27
C VAL B 50 -13.04 -16.06 3.16
N GLU B 51 -12.22 -17.11 3.06
CA GLU B 51 -12.42 -18.14 2.04
C GLU B 51 -13.85 -18.66 2.13
N GLU B 52 -14.33 -18.89 3.34
CA GLU B 52 -15.67 -19.38 3.49
C GLU B 52 -16.72 -18.43 2.88
N LYS B 53 -16.56 -17.12 3.08
CA LYS B 53 -17.42 -16.10 2.47
C LYS B 53 -17.29 -16.06 0.96
N ILE B 54 -16.06 -16.11 0.48
CA ILE B 54 -15.79 -16.06 -0.94
C ILE B 54 -16.36 -17.27 -1.64
N GLN B 55 -16.21 -18.45 -1.03
CA GLN B 55 -16.82 -19.65 -1.57
C GLN B 55 -18.33 -19.48 -1.66
N GLU B 56 -18.94 -18.85 -0.69
CA GLU B 56 -20.38 -18.61 -0.77
C GLU B 56 -20.72 -17.77 -2.00
N VAL B 57 -19.85 -16.82 -2.36
CA VAL B 57 -20.13 -15.97 -3.53
C VAL B 57 -19.97 -16.82 -4.79
N PHE B 58 -18.80 -17.44 -4.95
CA PHE B 58 -18.53 -18.30 -6.09
C PHE B 58 -19.66 -19.31 -6.28
N SER B 59 -20.11 -19.92 -5.19
CA SER B 59 -21.08 -21.03 -5.25
C SER B 59 -22.55 -20.59 -5.48
N SER B 60 -22.87 -19.33 -5.25
CA SER B 60 -24.26 -18.88 -5.24
C SER B 60 -24.99 -19.14 -6.55
N TYR B 61 -24.25 -19.09 -7.67
CA TYR B 61 -24.82 -19.35 -9.01
C TYR B 61 -25.35 -20.80 -9.13
N LYS B 62 -24.48 -21.75 -8.81
CA LYS B 62 -24.86 -23.17 -8.60
C LYS B 62 -26.03 -23.37 -7.65
N PHE B 63 -25.95 -22.80 -6.44
CA PHE B 63 -26.97 -23.03 -5.43
C PHE B 63 -28.31 -22.40 -5.84
N ASN B 64 -28.25 -21.26 -6.55
CA ASN B 64 -29.45 -20.62 -7.12
C ASN B 64 -29.91 -21.21 -8.46
N HIS B 65 -29.06 -21.99 -9.14
CA HIS B 65 -29.37 -22.58 -10.43
C HIS B 65 -29.63 -21.51 -11.48
N LEU B 66 -28.62 -20.67 -11.68
CA LEU B 66 -28.58 -19.72 -12.78
C LEU B 66 -27.21 -19.89 -13.47
N VAL B 67 -27.01 -19.34 -14.67
CA VAL B 67 -25.66 -19.30 -15.26
C VAL B 67 -24.96 -18.05 -14.80
N PRO B 68 -23.70 -18.19 -14.36
CA PRO B 68 -23.02 -16.95 -14.00
C PRO B 68 -22.85 -16.04 -15.24
N ARG B 69 -23.09 -14.75 -15.05
CA ARG B 69 -22.75 -13.76 -16.07
C ARG B 69 -22.18 -12.58 -15.32
N LEU B 70 -20.91 -12.26 -15.62
CA LEU B 70 -20.17 -11.24 -14.91
C LEU B 70 -20.35 -9.90 -15.61
N VAL B 71 -20.93 -8.95 -14.88
CA VAL B 71 -21.24 -7.65 -15.43
C VAL B 71 -20.78 -6.52 -14.53
N LEU B 72 -20.08 -5.57 -15.13
CA LEU B 72 -19.60 -4.44 -14.42
C LEU B 72 -20.77 -3.47 -14.40
N GLN B 73 -21.26 -3.16 -13.20
CA GLN B 73 -22.47 -2.36 -12.99
C GLN B 73 -22.15 -0.91 -13.22
N ARG B 74 -21.80 -0.62 -14.46
CA ARG B 74 -21.27 0.68 -14.84
C ARG B 74 -22.20 1.81 -14.47
N GLU B 75 -23.46 1.68 -14.85
CA GLU B 75 -24.37 2.79 -14.63
C GLU B 75 -24.58 3.02 -13.14
N LYS B 76 -24.62 1.97 -12.32
CA LYS B 76 -24.78 2.14 -10.87
C LYS B 76 -23.55 2.80 -10.29
N HIS B 77 -22.36 2.34 -10.70
CA HIS B 77 -21.10 2.94 -10.24
C HIS B 77 -21.11 4.40 -10.66
N PHE B 78 -21.54 4.68 -11.89
CA PHE B 78 -21.51 6.05 -12.39
C PHE B 78 -22.43 6.98 -11.59
N HIS B 79 -23.63 6.57 -11.23
CA HIS B 79 -24.47 7.44 -10.39
C HIS B 79 -23.83 7.69 -9.05
N TYR B 80 -23.16 6.67 -8.50
CA TYR B 80 -22.48 6.74 -7.17
C TYR B 80 -21.38 7.81 -7.16
N LEU B 81 -20.60 7.84 -8.23
CA LEU B 81 -19.43 8.66 -8.33
C LEU B 81 -19.85 10.07 -8.69
N LYS B 82 -20.80 10.15 -9.61
CA LYS B 82 -21.41 11.45 -9.99
C LYS B 82 -21.84 12.28 -8.77
N ARG B 83 -22.59 11.67 -7.89
CA ARG B 83 -23.08 12.27 -6.68
C ARG B 83 -21.99 12.53 -5.63
N GLY B 84 -21.17 11.51 -5.36
CA GLY B 84 -20.02 11.69 -4.47
C GLY B 84 -19.16 12.87 -4.89
N LEU B 85 -18.99 13.08 -6.19
CA LEU B 85 -18.11 14.14 -6.68
C LEU B 85 -18.55 15.53 -6.19
N ARG B 86 -19.80 15.61 -5.74
CA ARG B 86 -20.34 16.82 -5.24
C ARG B 86 -20.65 16.78 -3.74
N GLN B 87 -21.13 15.65 -3.23
CA GLN B 87 -21.53 15.57 -1.86
C GLN B 87 -21.26 14.21 -1.21
N LEU B 88 -20.74 14.23 0.01
CA LEU B 88 -20.41 13.02 0.74
C LEU B 88 -21.13 13.08 2.08
N THR B 89 -21.48 11.91 2.57
CA THR B 89 -22.12 11.78 3.84
C THR B 89 -21.05 12.02 4.93
N ASP B 90 -21.49 12.17 6.17
CA ASP B 90 -20.56 12.37 7.26
C ASP B 90 -19.79 11.10 7.59
N ALA B 91 -20.09 10.00 6.90
CA ALA B 91 -19.15 8.87 6.80
C ALA B 91 -17.75 9.37 6.46
N TYR B 92 -17.67 10.35 5.56
CA TYR B 92 -16.40 10.83 5.10
C TYR B 92 -15.78 11.96 5.93
N GLU B 93 -16.19 12.11 7.19
CA GLU B 93 -15.57 13.05 8.09
C GLU B 93 -14.11 12.71 8.35
N CYS B 94 -13.83 11.41 8.45
CA CYS B 94 -12.47 10.86 8.55
C CYS B 94 -11.55 11.12 7.35
N LEU B 95 -12.12 11.56 6.24
CA LEU B 95 -11.35 11.94 5.07
C LEU B 95 -11.45 13.44 4.85
N ASP B 96 -11.83 14.19 5.88
CA ASP B 96 -11.94 15.63 5.76
C ASP B 96 -10.56 16.33 5.52
N ALA B 97 -9.44 15.69 5.88
CA ALA B 97 -8.11 16.19 5.50
C ALA B 97 -7.54 15.50 4.24
N SER B 98 -8.39 14.84 3.48
CA SER B 98 -8.03 14.10 2.27
C SER B 98 -8.93 14.48 1.13
N ARG B 99 -9.47 15.68 1.13
CA ARG B 99 -10.41 16.02 0.06
C ARG B 99 -9.86 15.94 -1.38
N PRO B 100 -8.61 16.36 -1.62
CA PRO B 100 -8.11 16.18 -2.97
C PRO B 100 -7.97 14.69 -3.39
N TRP B 101 -7.77 13.80 -2.42
CA TRP B 101 -7.81 12.38 -2.70
C TRP B 101 -9.18 11.99 -3.19
N LEU B 102 -10.21 12.57 -2.60
CA LEU B 102 -11.57 12.21 -3.02
C LEU B 102 -11.75 12.65 -4.44
N CYS B 103 -11.34 13.87 -4.77
CA CYS B 103 -11.40 14.35 -6.15
C CYS B 103 -10.67 13.40 -7.06
N TYR B 104 -9.49 12.99 -6.65
CA TYR B 104 -8.76 12.08 -7.46
C TYR B 104 -9.50 10.77 -7.65
N TRP B 105 -9.90 10.12 -6.55
CA TRP B 105 -10.48 8.83 -6.66
C TRP B 105 -11.72 8.86 -7.54
N ILE B 106 -12.53 9.87 -7.38
CA ILE B 106 -13.83 9.89 -8.07
C ILE B 106 -13.60 10.21 -9.54
N LEU B 107 -12.80 11.23 -9.80
CA LEU B 107 -12.54 11.60 -11.19
C LEU B 107 -11.79 10.57 -11.94
N HIS B 108 -10.90 9.80 -11.29
CA HIS B 108 -10.26 8.70 -11.99
C HIS B 108 -11.21 7.56 -12.27
N SER B 109 -12.07 7.23 -11.31
CA SER B 109 -13.01 6.15 -11.54
C SER B 109 -13.90 6.54 -12.74
N LEU B 110 -14.37 7.79 -12.77
CA LEU B 110 -15.19 8.27 -13.91
C LEU B 110 -14.44 8.21 -15.23
N GLU B 111 -13.18 8.64 -15.25
CA GLU B 111 -12.41 8.55 -16.49
C GLU B 111 -12.31 7.08 -16.88
N LEU B 112 -12.03 6.18 -15.92
CA LEU B 112 -11.98 4.74 -16.18
C LEU B 112 -13.25 4.18 -16.81
N LEU B 113 -14.39 4.68 -16.33
CA LEU B 113 -15.72 4.27 -16.79
C LEU B 113 -16.14 5.06 -18.05
N ASP B 114 -15.17 5.81 -18.56
CA ASP B 114 -15.28 6.55 -19.80
C ASP B 114 -16.38 7.61 -19.75
N GLU B 115 -16.68 8.08 -18.54
CA GLU B 115 -17.71 9.12 -18.29
C GLU B 115 -17.09 10.51 -18.29
N PRO B 116 -17.47 11.36 -19.26
CA PRO B 116 -16.69 12.59 -19.40
C PRO B 116 -16.94 13.56 -18.26
N ILE B 117 -15.99 14.48 -18.03
CA ILE B 117 -16.14 15.42 -16.93
C ILE B 117 -16.70 16.70 -17.53
N PRO B 118 -17.93 17.10 -17.14
CA PRO B 118 -18.46 18.38 -17.58
C PRO B 118 -17.50 19.56 -17.28
N GLN B 119 -17.20 20.34 -18.32
CA GLN B 119 -16.42 21.60 -18.25
C GLN B 119 -16.81 22.39 -17.01
N ILE B 120 -18.10 22.34 -16.68
CA ILE B 120 -18.66 22.80 -15.42
C ILE B 120 -17.88 22.22 -14.23
N VAL B 121 -17.90 20.88 -14.06
CA VAL B 121 -17.31 20.25 -12.85
C VAL B 121 -15.80 20.40 -12.85
N ALA B 122 -15.20 20.23 -14.01
CA ALA B 122 -13.78 20.49 -14.19
C ALA B 122 -13.38 21.81 -13.53
N THR B 123 -14.12 22.86 -13.84
CA THR B 123 -13.81 24.18 -13.32
C THR B 123 -14.10 24.25 -11.83
N ASP B 124 -15.01 23.45 -11.30
CA ASP B 124 -15.26 23.49 -9.85
C ASP B 124 -14.32 22.64 -9.02
N VAL B 125 -13.72 21.64 -9.66
CA VAL B 125 -12.63 20.89 -9.07
C VAL B 125 -11.45 21.85 -9.04
N CYS B 126 -11.20 22.50 -10.17
CA CYS B 126 -10.13 23.48 -10.29
C CYS B 126 -10.13 24.51 -9.17
N GLN B 127 -11.23 25.18 -8.97
CA GLN B 127 -11.24 26.24 -8.00
C GLN B 127 -11.17 25.68 -6.61
N PHE B 128 -11.65 24.47 -6.41
CA PHE B 128 -11.57 23.83 -5.12
C PHE B 128 -10.12 23.57 -4.77
N LEU B 129 -9.41 23.00 -5.73
CA LEU B 129 -8.03 22.63 -5.51
C LEU B 129 -7.15 23.85 -5.37
N GLU B 130 -7.51 24.94 -6.03
CA GLU B 130 -6.82 26.21 -5.84
C GLU B 130 -6.88 26.58 -4.38
N LEU B 131 -8.06 26.47 -3.80
CA LEU B 131 -8.29 26.73 -2.38
C LEU B 131 -7.49 25.85 -1.44
N CYS B 132 -7.20 24.64 -1.89
CA CYS B 132 -6.37 23.68 -1.15
C CYS B 132 -4.91 23.94 -1.32
N GLN B 133 -4.56 24.77 -2.31
CA GLN B 133 -3.18 25.10 -2.60
C GLN B 133 -2.61 25.98 -1.51
N SER B 134 -1.41 25.63 -1.07
CA SER B 134 -0.74 26.40 -0.04
C SER B 134 -0.01 27.60 -0.70
N PRO B 135 0.03 28.76 -0.02
CA PRO B 135 0.89 29.89 -0.42
C PRO B 135 2.34 29.49 -0.72
N ASP B 136 2.92 28.63 0.11
CA ASP B 136 4.31 28.19 -0.03
C ASP B 136 4.50 26.91 -0.86
N GLY B 137 3.41 26.40 -1.44
CA GLY B 137 3.52 25.31 -2.39
C GLY B 137 2.94 24.06 -1.80
N GLY B 138 2.58 23.11 -2.68
CA GLY B 138 1.89 21.93 -2.26
C GLY B 138 0.40 22.15 -2.05
N PHE B 139 -0.30 21.04 -1.89
CA PHE B 139 -1.70 21.10 -1.58
C PHE B 139 -1.91 20.46 -0.24
N GLY B 140 -2.79 21.07 0.53
CA GLY B 140 -3.33 20.49 1.76
C GLY B 140 -4.56 19.65 1.54
N GLY B 141 -5.06 19.06 2.63
CA GLY B 141 -6.12 18.10 2.51
C GLY B 141 -7.49 18.70 2.41
N GLY B 142 -7.53 20.03 2.48
CA GLY B 142 -8.70 20.85 2.22
C GLY B 142 -8.35 22.31 2.45
N PRO B 143 -9.31 23.22 2.22
CA PRO B 143 -9.00 24.63 2.32
C PRO B 143 -8.38 24.98 3.63
N GLY B 144 -7.31 25.76 3.57
CA GLY B 144 -6.61 26.23 4.77
C GLY B 144 -5.92 25.17 5.61
N GLN B 145 -5.76 23.97 5.04
CA GLN B 145 -5.03 22.98 5.75
C GLN B 145 -3.59 23.12 5.27
N TYR B 146 -2.66 22.75 6.12
CA TYR B 146 -1.31 22.86 5.76
C TYR B 146 -1.05 21.85 4.63
N PRO B 147 0.01 22.09 3.85
CA PRO B 147 0.28 21.22 2.73
C PRO B 147 0.85 19.89 3.20
N HIS B 148 0.69 18.87 2.38
CA HIS B 148 1.21 17.57 2.67
C HIS B 148 1.42 16.98 1.27
N LEU B 149 2.33 16.01 1.13
CA LEU B 149 2.65 15.46 -0.19
C LEU B 149 1.56 14.56 -0.74
N ALA B 150 0.85 13.87 0.14
CA ALA B 150 -0.21 12.96 -0.28
C ALA B 150 -1.34 13.66 -1.00
N PRO B 151 -2.00 14.62 -0.33
CA PRO B 151 -2.93 15.47 -1.08
C PRO B 151 -2.33 16.32 -2.24
N THR B 152 -1.03 16.58 -2.22
CA THR B 152 -0.34 17.25 -3.37
C THR B 152 -0.37 16.36 -4.60
N TYR B 153 0.09 15.12 -4.44
CA TYR B 153 -0.08 14.08 -5.43
C TYR B 153 -1.47 13.88 -6.05
N ALA B 154 -2.46 13.76 -5.16
CA ALA B 154 -3.87 13.64 -5.50
C ALA B 154 -4.34 14.81 -6.32
N ALA B 155 -4.03 16.02 -5.82
CA ALA B 155 -4.35 17.30 -6.48
C ALA B 155 -3.79 17.31 -7.88
N VAL B 156 -2.50 17.07 -8.00
CA VAL B 156 -1.85 17.12 -9.33
C VAL B 156 -2.50 16.10 -10.25
N ASN B 157 -2.74 14.89 -9.79
CA ASN B 157 -3.34 13.88 -10.64
C ASN B 157 -4.74 14.25 -11.12
N ALA B 158 -5.52 14.86 -10.22
CA ALA B 158 -6.88 15.22 -10.48
C ALA B 158 -6.92 16.40 -11.47
N LEU B 159 -6.03 17.36 -11.25
CA LEU B 159 -5.74 18.41 -12.22
C LEU B 159 -5.39 17.86 -13.63
N CYS B 160 -4.55 16.82 -13.71
CA CYS B 160 -4.21 16.22 -14.98
C CYS B 160 -5.37 15.43 -15.57
N ILE B 161 -6.07 14.67 -14.76
CA ILE B 161 -7.24 14.03 -15.30
C ILE B 161 -8.11 15.08 -15.99
N ILE B 162 -8.37 16.21 -15.33
CA ILE B 162 -9.21 17.24 -15.95
C ILE B 162 -8.57 17.78 -17.22
N GLY B 163 -7.26 18.05 -17.16
CA GLY B 163 -6.45 18.31 -18.36
C GLY B 163 -6.77 19.53 -19.21
N THR B 164 -7.59 20.44 -18.71
CA THR B 164 -7.89 21.72 -19.36
C THR B 164 -6.88 22.75 -18.86
N GLU B 165 -6.53 23.72 -19.72
CA GLU B 165 -5.52 24.75 -19.41
C GLU B 165 -5.76 25.37 -18.04
N GLU B 166 -7.02 25.60 -17.71
CA GLU B 166 -7.41 26.13 -16.42
C GLU B 166 -6.89 25.27 -15.28
N ALA B 167 -7.04 23.93 -15.44
CA ALA B 167 -6.57 22.93 -14.47
C ALA B 167 -5.07 22.91 -14.35
N TYR B 168 -4.36 22.97 -15.46
CA TYR B 168 -2.91 23.05 -15.45
C TYR B 168 -2.38 24.34 -14.79
N ASN B 169 -3.10 25.43 -15.00
CA ASN B 169 -2.68 26.76 -14.53
C ASN B 169 -2.81 26.93 -13.02
N VAL B 170 -3.65 26.12 -12.40
CA VAL B 170 -3.76 26.11 -10.95
C VAL B 170 -2.40 25.85 -10.29
N ILE B 171 -1.62 24.91 -10.82
CA ILE B 171 -0.38 24.43 -10.20
C ILE B 171 0.78 25.45 -10.27
N ASN B 172 1.27 25.86 -9.10
CA ASN B 172 2.38 26.79 -9.00
C ASN B 172 3.67 26.01 -8.97
N ARG B 173 4.35 25.92 -10.11
CA ARG B 173 5.47 25.01 -10.23
C ARG B 173 6.70 25.48 -9.47
N GLU B 174 6.99 26.78 -9.50
CA GLU B 174 8.06 27.37 -8.66
C GLU B 174 7.90 26.95 -7.21
N LYS B 175 6.75 27.33 -6.64
CA LYS B 175 6.40 27.00 -5.25
C LYS B 175 6.50 25.49 -5.02
N LEU B 176 5.85 24.73 -5.90
CA LEU B 176 5.89 23.29 -5.80
C LEU B 176 7.32 22.82 -5.71
N LEU B 177 8.19 23.35 -6.57
CA LEU B 177 9.59 22.96 -6.47
C LEU B 177 10.16 23.42 -5.12
N GLN B 178 9.81 24.61 -4.65
CA GLN B 178 10.26 25.02 -3.31
C GLN B 178 9.79 24.05 -2.23
N TYR B 179 8.47 23.87 -2.13
CA TYR B 179 7.89 22.88 -1.20
C TYR B 179 8.66 21.54 -1.21
N LEU B 180 8.91 21.02 -2.41
CA LEU B 180 9.55 19.71 -2.51
C LEU B 180 10.95 19.71 -1.92
N TYR B 181 11.68 20.80 -2.13
CA TYR B 181 13.01 20.89 -1.52
C TYR B 181 12.90 20.95 -0.03
N SER B 182 11.83 21.59 0.47
CA SER B 182 11.66 21.78 1.92
C SER B 182 11.52 20.45 2.59
N LEU B 183 11.21 19.41 1.81
CA LEU B 183 10.94 18.11 2.32
C LEU B 183 12.08 17.11 2.11
N LYS B 184 12.92 17.37 1.11
CA LYS B 184 14.10 16.53 0.84
C LYS B 184 15.07 16.40 2.01
N GLN B 185 15.44 15.17 2.37
CA GLN B 185 16.42 14.90 3.42
C GLN B 185 17.80 14.51 2.89
N PRO B 186 18.85 14.75 3.70
CA PRO B 186 20.20 14.24 3.46
C PRO B 186 20.26 12.86 2.79
N ASP B 187 19.67 11.83 3.42
CA ASP B 187 19.90 10.45 2.98
C ASP B 187 19.09 10.02 1.78
N GLY B 188 18.62 10.94 0.94
CA GLY B 188 17.78 10.55 -0.20
C GLY B 188 16.26 10.70 -0.04
N SER B 189 15.75 10.41 1.16
CA SER B 189 14.32 10.38 1.48
C SER B 189 13.64 11.75 1.52
N PHE B 190 12.31 11.72 1.60
CA PHE B 190 11.51 12.93 1.65
C PHE B 190 10.54 12.84 2.82
N LEU B 191 10.42 13.94 3.55
CA LEU B 191 9.40 14.00 4.58
C LEU B 191 7.99 13.98 3.94
N MET B 192 7.01 13.45 4.66
CA MET B 192 5.63 13.44 4.17
C MET B 192 5.11 14.86 4.10
N HIS B 193 5.51 15.66 5.08
CA HIS B 193 5.15 17.08 5.20
C HIS B 193 6.18 17.71 6.14
N VAL B 194 6.26 19.04 6.22
CA VAL B 194 7.15 19.68 7.17
C VAL B 194 6.91 19.17 8.61
N GLY B 195 7.98 18.85 9.33
CA GLY B 195 7.87 18.23 10.69
C GLY B 195 7.01 16.98 10.71
N GLY B 196 7.13 16.19 9.64
CA GLY B 196 6.60 14.83 9.57
C GLY B 196 7.82 13.94 9.48
N GLU B 197 7.61 12.70 9.09
CA GLU B 197 8.72 11.79 8.87
C GLU B 197 8.65 11.11 7.51
N VAL B 198 9.73 10.40 7.18
CA VAL B 198 9.90 9.88 5.85
C VAL B 198 9.19 8.59 5.71
N ASP B 199 9.00 8.20 4.45
CA ASP B 199 8.23 7.02 4.13
C ASP B 199 8.44 6.87 2.63
N VAL B 200 8.44 5.65 2.11
CA VAL B 200 8.54 5.44 0.64
C VAL B 200 7.45 6.17 -0.13
N ARG B 201 6.28 6.34 0.50
CA ARG B 201 5.14 6.94 -0.20
C ARG B 201 5.50 8.30 -0.62
N SER B 202 6.24 8.99 0.21
CA SER B 202 6.56 10.39 -0.06
C SER B 202 7.56 10.59 -1.22
N ALA B 203 8.44 9.64 -1.46
CA ALA B 203 9.38 9.74 -2.57
C ALA B 203 8.56 9.60 -3.84
N TYR B 204 7.62 8.64 -3.83
CA TYR B 204 6.67 8.44 -4.94
C TYR B 204 5.83 9.67 -5.18
N CYS B 205 5.22 10.23 -4.15
CA CYS B 205 4.42 11.45 -4.39
C CYS B 205 5.29 12.55 -4.99
N ALA B 206 6.50 12.69 -4.44
CA ALA B 206 7.47 13.69 -4.93
C ALA B 206 7.81 13.39 -6.40
N ALA B 207 8.28 12.17 -6.66
CA ALA B 207 8.65 11.75 -8.04
C ALA B 207 7.51 11.90 -9.07
N SER B 208 6.30 11.50 -8.69
CA SER B 208 5.09 11.63 -9.52
C SER B 208 4.78 13.08 -9.85
N VAL B 209 4.64 13.89 -8.84
CA VAL B 209 4.32 15.29 -9.09
C VAL B 209 5.48 16.04 -9.79
N ALA B 210 6.72 15.77 -9.39
CA ALA B 210 7.89 16.43 -10.01
C ALA B 210 7.92 16.23 -11.54
N SER B 211 7.76 14.99 -11.97
CA SER B 211 7.76 14.69 -13.39
C SER B 211 6.54 15.29 -14.16
N LEU B 212 5.32 14.98 -13.74
CA LEU B 212 4.17 15.47 -14.48
C LEU B 212 4.26 16.99 -14.68
N THR B 213 4.88 17.69 -13.75
CA THR B 213 4.91 19.13 -13.87
C THR B 213 6.25 19.66 -14.40
N ASN B 214 7.25 18.78 -14.50
CA ASN B 214 8.56 19.04 -15.13
C ASN B 214 9.58 19.80 -14.25
N ILE B 215 9.25 20.06 -13.02
CA ILE B 215 10.11 20.83 -12.10
C ILE B 215 11.27 20.00 -11.51
N ILE B 216 11.63 18.89 -12.13
CA ILE B 216 12.75 18.07 -11.66
C ILE B 216 14.08 18.75 -12.00
N THR B 217 15.00 18.67 -11.04
CA THR B 217 16.27 19.31 -11.13
C THR B 217 17.23 18.16 -11.03
N PRO B 218 18.51 18.36 -11.38
CA PRO B 218 19.46 17.23 -11.25
C PRO B 218 19.61 16.72 -9.82
N ASP B 219 19.62 17.64 -8.86
CA ASP B 219 19.87 17.27 -7.46
C ASP B 219 18.60 16.99 -6.65
N LEU B 220 17.41 17.16 -7.23
CA LEU B 220 16.15 16.95 -6.48
C LEU B 220 16.04 15.51 -6.02
N PHE B 221 16.25 14.56 -6.92
CA PHE B 221 16.11 13.15 -6.51
C PHE B 221 17.43 12.46 -6.27
N GLU B 222 18.45 13.28 -6.07
CA GLU B 222 19.76 12.78 -5.74
C GLU B 222 19.71 12.19 -4.33
N GLY B 223 20.17 10.95 -4.23
CA GLY B 223 20.02 10.11 -3.03
C GLY B 223 18.82 9.17 -2.98
N THR B 224 17.76 9.55 -3.67
CA THR B 224 16.41 8.97 -3.49
C THR B 224 16.26 7.49 -3.88
N ALA B 225 16.86 7.06 -5.00
CA ALA B 225 16.77 5.65 -5.41
C ALA B 225 17.41 4.72 -4.43
N GLU B 226 18.58 5.09 -3.93
CA GLU B 226 19.27 4.20 -2.99
C GLU B 226 18.54 4.13 -1.67
N TRP B 227 17.91 5.25 -1.28
CA TRP B 227 17.05 5.19 -0.08
C TRP B 227 15.91 4.21 -0.32
N ILE B 228 15.32 4.27 -1.50
CA ILE B 228 14.23 3.33 -1.88
C ILE B 228 14.71 1.90 -1.86
N ALA B 229 15.91 1.64 -2.39
CA ALA B 229 16.38 0.25 -2.42
C ALA B 229 16.65 -0.30 -1.01
N ARG B 230 17.04 0.58 -0.09
CA ARG B 230 17.14 0.23 1.35
C ARG B 230 15.84 -0.34 1.94
N CYS B 231 14.72 0.01 1.32
CA CYS B 231 13.38 -0.39 1.81
C CYS B 231 13.05 -1.78 1.31
N GLN B 232 13.71 -2.23 0.24
CA GLN B 232 13.51 -3.60 -0.24
C GLN B 232 14.05 -4.53 0.81
N ASN B 233 13.22 -5.46 1.30
CA ASN B 233 13.57 -6.34 2.38
C ASN B 233 13.84 -7.75 1.86
N TRP B 234 14.13 -8.66 2.78
CA TRP B 234 14.50 -10.02 2.46
C TRP B 234 13.41 -10.88 1.80
N GLU B 235 12.20 -10.31 1.74
CA GLU B 235 11.02 -11.01 1.24
C GLU B 235 10.85 -10.79 -0.22
N GLY B 236 11.45 -9.71 -0.72
CA GLY B 236 11.31 -9.32 -2.09
C GLY B 236 10.67 -7.96 -2.25
N GLY B 237 9.71 -7.66 -1.40
CA GLY B 237 9.00 -6.41 -1.54
C GLY B 237 9.69 -5.27 -0.84
N ILE B 238 9.02 -4.12 -0.91
CA ILE B 238 9.44 -2.90 -0.27
C ILE B 238 8.54 -2.63 0.96
N GLY B 239 9.17 -2.18 2.03
CA GLY B 239 8.46 -1.78 3.27
C GLY B 239 8.42 -0.27 3.34
N GLY B 240 7.72 0.29 4.34
CA GLY B 240 7.53 1.76 4.34
C GLY B 240 8.77 2.56 4.62
N VAL B 241 9.64 2.02 5.50
CA VAL B 241 10.99 2.54 5.74
C VAL B 241 11.94 1.34 5.91
N PRO B 242 13.27 1.54 5.76
CA PRO B 242 14.19 0.39 6.00
C PRO B 242 13.91 -0.51 7.22
N GLY B 243 13.88 -1.80 6.95
CA GLY B 243 13.66 -2.80 7.95
C GLY B 243 12.23 -3.24 8.11
N MET B 244 11.28 -2.54 7.47
CA MET B 244 9.85 -2.89 7.64
C MET B 244 9.43 -4.03 6.72
N GLU B 245 8.57 -4.92 7.20
CA GLU B 245 7.94 -5.94 6.36
C GLU B 245 7.49 -5.42 5.01
N ALA B 246 7.52 -6.29 4.01
CA ALA B 246 7.15 -5.90 2.66
C ALA B 246 5.65 -5.66 2.62
N HIS B 247 5.22 -4.60 1.98
CA HIS B 247 3.80 -4.30 1.94
C HIS B 247 3.36 -3.71 0.61
N GLY B 248 2.16 -4.10 0.23
CA GLY B 248 1.60 -3.85 -1.08
C GLY B 248 1.71 -2.51 -1.75
N GLY B 249 1.21 -1.50 -1.06
CA GLY B 249 1.09 -0.18 -1.69
C GLY B 249 2.36 0.59 -1.54
N TYR B 250 3.13 0.29 -0.51
CA TYR B 250 4.46 0.87 -0.38
C TYR B 250 5.40 0.30 -1.48
N THR B 251 5.21 -0.97 -1.87
CA THR B 251 6.06 -1.56 -2.94
C THR B 251 5.81 -0.88 -4.26
N PHE B 252 4.55 -0.58 -4.51
CA PHE B 252 4.19 0.14 -5.71
C PHE B 252 4.88 1.47 -5.69
N CYS B 253 4.72 2.22 -4.58
CA CYS B 253 5.32 3.56 -4.47
C CYS B 253 6.83 3.59 -4.80
N GLY B 254 7.56 2.61 -4.30
CA GLY B 254 9.02 2.55 -4.50
C GLY B 254 9.39 2.30 -5.95
N LEU B 255 8.85 1.24 -6.54
CA LEU B 255 9.10 0.90 -7.93
C LEU B 255 8.62 1.99 -8.87
N ALA B 256 7.40 2.45 -8.69
CA ALA B 256 6.91 3.56 -9.51
C ALA B 256 7.74 4.81 -9.33
N ALA B 257 8.28 5.00 -8.14
CA ALA B 257 9.18 6.12 -7.89
C ALA B 257 10.48 5.93 -8.73
N LEU B 258 11.07 4.75 -8.62
CA LEU B 258 12.27 4.35 -9.38
C LEU B 258 12.11 4.38 -10.92
N VAL B 259 11.18 3.59 -11.46
CA VAL B 259 10.70 3.78 -12.84
C VAL B 259 10.73 5.22 -13.31
N ILE B 260 10.13 6.11 -12.52
CA ILE B 260 10.08 7.53 -12.86
C ILE B 260 11.49 8.11 -12.94
N LEU B 261 12.35 7.74 -11.99
CA LEU B 261 13.72 8.23 -11.95
C LEU B 261 14.61 7.44 -12.91
N LYS B 262 14.20 6.22 -13.22
CA LYS B 262 14.96 5.37 -14.12
C LYS B 262 16.02 4.56 -13.37
N LYS B 263 15.82 4.43 -12.06
CA LYS B 263 16.75 3.68 -11.22
C LYS B 263 16.24 2.27 -10.96
N GLU B 264 15.19 1.88 -11.66
CA GLU B 264 14.61 0.55 -11.50
C GLU B 264 15.76 -0.40 -11.23
N ARG B 265 16.88 -0.12 -11.90
CA ARG B 265 18.25 -0.57 -11.54
C ARG B 265 18.43 -1.18 -10.14
N SER B 266 18.11 -0.36 -9.15
CA SER B 266 18.64 -0.50 -7.81
C SER B 266 18.01 -1.63 -7.04
N LEU B 267 16.82 -2.06 -7.46
CA LEU B 267 16.16 -3.17 -6.77
C LEU B 267 16.66 -4.51 -7.29
N ASN B 268 16.41 -5.56 -6.52
CA ASN B 268 16.49 -6.89 -7.03
C ASN B 268 15.09 -7.18 -7.58
N LEU B 269 14.89 -6.75 -8.83
CA LEU B 269 13.64 -6.94 -9.58
C LEU B 269 13.12 -8.38 -9.63
N LYS B 270 14.02 -9.37 -9.68
CA LYS B 270 13.61 -10.77 -9.65
C LYS B 270 13.05 -11.18 -8.31
N SER B 271 13.65 -10.65 -7.25
CA SER B 271 13.17 -10.96 -5.91
C SER B 271 11.79 -10.29 -5.67
N LEU B 272 11.65 -9.08 -6.22
CA LEU B 272 10.44 -8.30 -6.22
C LEU B 272 9.37 -8.99 -7.09
N LEU B 273 9.63 -9.13 -8.40
CA LEU B 273 8.73 -9.89 -9.28
C LEU B 273 8.11 -11.06 -8.54
N GLN B 274 8.95 -11.82 -7.92
CA GLN B 274 8.62 -13.03 -7.23
C GLN B 274 7.81 -12.82 -5.95
N TRP B 275 8.05 -11.70 -5.27
CA TRP B 275 7.23 -11.36 -4.11
C TRP B 275 5.80 -11.02 -4.58
N VAL B 276 5.63 -10.07 -5.49
CA VAL B 276 4.28 -9.73 -5.99
C VAL B 276 3.50 -10.95 -6.40
N THR B 277 4.07 -11.75 -7.30
CA THR B 277 3.40 -12.89 -7.87
C THR B 277 2.89 -13.78 -6.80
N SER B 278 3.62 -13.91 -5.68
CA SER B 278 3.19 -14.77 -4.54
C SER B 278 2.04 -14.18 -3.73
N ARG B 279 1.81 -12.89 -3.95
CA ARG B 279 0.73 -12.13 -3.32
C ARG B 279 -0.65 -12.44 -3.87
N GLN B 280 -0.79 -13.05 -5.04
CA GLN B 280 -2.13 -13.36 -5.54
C GLN B 280 -2.62 -14.55 -4.78
N MET B 281 -3.87 -14.55 -4.34
CA MET B 281 -4.38 -15.62 -3.54
C MET B 281 -4.91 -16.65 -4.47
N ARG B 282 -4.41 -17.86 -4.27
CA ARG B 282 -4.78 -19.00 -5.07
C ARG B 282 -6.28 -19.27 -4.99
N PHE B 283 -6.90 -19.06 -3.83
CA PHE B 283 -8.32 -19.32 -3.83
C PHE B 283 -9.13 -18.14 -4.35
N GLU B 284 -8.98 -16.99 -3.72
CA GLU B 284 -9.80 -15.81 -4.00
C GLU B 284 -9.53 -15.15 -5.36
N GLY B 285 -8.29 -15.16 -5.83
CA GLY B 285 -7.96 -14.62 -7.15
C GLY B 285 -7.41 -13.21 -7.07
N GLY B 286 -7.86 -12.44 -6.07
CA GLY B 286 -7.27 -11.13 -5.78
C GLY B 286 -5.95 -11.24 -5.06
N PHE B 287 -5.41 -10.07 -4.69
CA PHE B 287 -4.12 -9.94 -4.01
C PHE B 287 -4.25 -9.55 -2.55
N GLN B 288 -3.33 -10.06 -1.75
CA GLN B 288 -3.09 -9.61 -0.38
C GLN B 288 -1.96 -8.64 -0.38
N GLY B 289 -1.82 -7.84 0.66
CA GLY B 289 -0.88 -6.72 0.63
C GLY B 289 0.46 -7.09 1.26
N ARG B 290 0.37 -8.15 2.06
CA ARG B 290 1.39 -8.72 2.90
C ARG B 290 1.17 -10.21 2.95
N CYS B 291 2.23 -10.96 3.08
CA CYS B 291 2.14 -12.41 3.24
C CYS B 291 1.37 -12.78 4.48
N ASN B 292 0.55 -13.81 4.36
CA ASN B 292 -0.31 -14.29 5.44
C ASN B 292 -1.40 -13.29 5.93
N LYS B 293 -1.74 -12.26 5.14
CA LYS B 293 -2.92 -11.40 5.41
C LYS B 293 -4.01 -11.66 4.38
N LEU B 294 -5.09 -10.89 4.44
CA LEU B 294 -6.27 -11.24 3.68
C LEU B 294 -6.31 -10.51 2.34
N VAL B 295 -7.08 -11.05 1.41
CA VAL B 295 -7.31 -10.41 0.12
C VAL B 295 -7.97 -9.04 0.29
N ASP B 296 -7.77 -8.13 -0.65
CA ASP B 296 -8.43 -6.85 -0.62
C ASP B 296 -8.33 -6.30 -2.02
N GLY B 297 -9.45 -5.78 -2.50
CA GLY B 297 -9.61 -5.41 -3.88
C GLY B 297 -8.76 -4.24 -4.25
N CYS B 298 -8.33 -3.46 -3.29
CA CYS B 298 -7.55 -2.29 -3.66
C CYS B 298 -6.12 -2.64 -4.13
N TYR B 299 -5.65 -3.80 -3.72
CA TYR B 299 -4.39 -4.36 -4.16
C TYR B 299 -4.49 -4.94 -5.55
N SER B 300 -5.69 -5.05 -6.06
CA SER B 300 -5.88 -5.17 -7.50
C SER B 300 -5.09 -4.10 -8.25
N PHE B 301 -4.97 -2.90 -7.71
CA PHE B 301 -4.10 -1.95 -8.32
C PHE B 301 -2.69 -1.98 -7.72
N TRP B 302 -2.56 -1.79 -6.42
CA TRP B 302 -1.24 -1.64 -5.82
C TRP B 302 -0.33 -2.82 -6.04
N GLN B 303 -0.85 -4.04 -5.98
CA GLN B 303 0.00 -5.22 -6.19
C GLN B 303 0.12 -5.60 -7.66
N ALA B 304 -1.02 -5.68 -8.34
CA ALA B 304 -1.05 -6.12 -9.72
C ALA B 304 -0.48 -5.05 -10.66
N GLY B 305 -0.67 -3.76 -10.34
CA GLY B 305 0.00 -2.62 -11.06
C GLY B 305 1.53 -2.61 -10.98
N LEU B 306 2.10 -3.45 -10.15
CA LEU B 306 3.56 -3.72 -10.21
C LEU B 306 4.02 -4.40 -11.51
N LEU B 307 3.18 -5.21 -12.15
CA LEU B 307 3.63 -6.00 -13.29
C LEU B 307 3.81 -5.13 -14.55
N PRO B 308 2.83 -4.30 -14.86
CA PRO B 308 3.21 -3.41 -15.93
C PRO B 308 4.49 -2.55 -15.68
N LEU B 309 4.95 -2.45 -14.43
CA LEU B 309 6.18 -1.72 -14.17
C LEU B 309 7.36 -2.69 -14.28
N LEU B 310 7.20 -3.88 -13.71
CA LEU B 310 8.23 -4.91 -13.81
C LEU B 310 8.41 -5.37 -15.29
N HIS B 311 7.49 -4.99 -16.17
CA HIS B 311 7.54 -5.41 -17.56
C HIS B 311 8.41 -4.49 -18.33
N ARG B 312 8.06 -3.21 -18.25
CA ARG B 312 8.83 -2.13 -18.82
C ARG B 312 10.27 -2.21 -18.30
N ALA B 313 10.48 -2.80 -17.12
CA ALA B 313 11.79 -2.86 -16.48
C ALA B 313 12.56 -4.09 -16.94
N LEU B 314 12.03 -5.28 -16.66
CA LEU B 314 12.65 -6.50 -17.14
C LEU B 314 12.86 -6.49 -18.67
N HIS B 315 12.11 -5.66 -19.39
CA HIS B 315 12.23 -5.52 -20.85
C HIS B 315 13.37 -4.61 -21.19
N ALA B 316 13.32 -3.40 -20.65
CA ALA B 316 14.41 -2.45 -20.79
C ALA B 316 15.75 -3.02 -20.24
N GLN B 317 15.73 -4.24 -19.68
CA GLN B 317 16.95 -5.00 -19.36
C GLN B 317 17.03 -6.35 -20.14
N GLY B 318 16.34 -6.41 -21.28
CA GLY B 318 16.53 -7.44 -22.29
C GLY B 318 15.92 -8.81 -22.10
N ASP B 319 15.11 -8.98 -21.06
CA ASP B 319 14.57 -10.30 -20.68
C ASP B 319 13.75 -10.92 -21.82
N PRO B 320 14.36 -11.85 -22.57
CA PRO B 320 13.61 -12.36 -23.71
C PRO B 320 12.57 -13.44 -23.34
N ALA B 321 12.50 -13.86 -22.07
CA ALA B 321 11.46 -14.82 -21.63
C ALA B 321 10.12 -14.16 -21.26
N LEU B 322 10.00 -12.85 -21.51
CA LEU B 322 8.81 -12.06 -21.10
C LEU B 322 7.66 -12.36 -22.06
N SER B 323 6.43 -12.37 -21.54
CA SER B 323 5.26 -12.65 -22.35
C SER B 323 4.90 -11.39 -23.16
N MET B 324 4.37 -11.57 -24.35
CA MET B 324 3.95 -10.42 -25.15
C MET B 324 2.43 -10.37 -25.29
N SER B 325 1.75 -11.28 -24.61
CA SER B 325 0.31 -11.31 -24.56
C SER B 325 -0.24 -10.93 -23.16
N HIS B 326 0.44 -11.38 -22.09
CA HIS B 326 -0.09 -11.31 -20.72
C HIS B 326 0.89 -10.75 -19.70
N TRP B 327 0.34 -10.14 -18.65
CA TRP B 327 1.11 -9.73 -17.49
C TRP B 327 1.41 -10.98 -16.67
N MET B 328 2.40 -10.91 -15.79
CA MET B 328 2.75 -12.06 -14.97
C MET B 328 1.91 -12.35 -13.74
N PHE B 329 0.60 -12.07 -13.85
CA PHE B 329 -0.37 -12.49 -12.84
C PHE B 329 -1.61 -13.09 -13.48
N HIS B 330 -2.47 -13.74 -12.71
CA HIS B 330 -3.62 -14.39 -13.32
C HIS B 330 -4.68 -13.33 -13.56
N GLN B 331 -4.69 -12.77 -14.76
CA GLN B 331 -5.55 -11.66 -15.15
C GLN B 331 -7.00 -12.02 -15.00
N GLN B 332 -7.32 -13.24 -15.39
CA GLN B 332 -8.68 -13.74 -15.38
C GLN B 332 -9.20 -13.82 -13.95
N ALA B 333 -8.49 -14.54 -13.08
CA ALA B 333 -8.97 -14.70 -11.70
C ALA B 333 -9.04 -13.33 -11.02
N LEU B 334 -8.17 -12.42 -11.35
CA LEU B 334 -8.28 -11.12 -10.69
C LEU B 334 -9.61 -10.47 -11.07
N GLN B 335 -9.97 -10.58 -12.34
CA GLN B 335 -11.18 -9.96 -12.85
C GLN B 335 -12.38 -10.59 -12.21
N GLU B 336 -12.30 -11.89 -11.97
CA GLU B 336 -13.36 -12.67 -11.39
C GLU B 336 -13.57 -12.29 -9.96
N TYR B 337 -12.48 -12.19 -9.19
CA TYR B 337 -12.55 -11.65 -7.84
C TYR B 337 -13.25 -10.25 -7.80
N ILE B 338 -12.79 -9.34 -8.65
CA ILE B 338 -13.25 -7.98 -8.64
C ILE B 338 -14.69 -7.94 -9.02
N LEU B 339 -15.00 -8.59 -10.14
CA LEU B 339 -16.34 -8.56 -10.70
C LEU B 339 -17.36 -9.33 -9.87
N MET B 340 -17.01 -10.47 -9.30
CA MET B 340 -17.90 -11.22 -8.44
C MET B 340 -17.95 -10.77 -6.99
N CYS B 341 -16.82 -10.40 -6.41
CA CYS B 341 -16.71 -10.24 -4.97
C CYS B 341 -16.62 -8.80 -4.48
N CYS B 342 -16.40 -7.85 -5.37
CA CYS B 342 -15.99 -6.50 -4.93
C CYS B 342 -16.93 -5.43 -5.40
N GLN B 343 -18.01 -5.81 -6.07
CA GLN B 343 -19.04 -4.86 -6.51
C GLN B 343 -20.18 -4.75 -5.54
N CYS B 344 -20.58 -3.52 -5.31
CA CYS B 344 -21.82 -3.21 -4.60
C CYS B 344 -22.96 -3.11 -5.64
N PRO B 345 -24.09 -3.81 -5.40
CA PRO B 345 -25.21 -3.74 -6.35
C PRO B 345 -25.72 -2.30 -6.56
N ALA B 346 -25.78 -1.54 -5.46
CA ALA B 346 -26.10 -0.13 -5.49
C ALA B 346 -25.01 0.71 -6.08
N GLY B 347 -23.92 0.12 -6.58
CA GLY B 347 -22.89 0.90 -7.26
C GLY B 347 -21.79 1.22 -6.27
N GLY B 348 -20.54 1.28 -6.73
CA GLY B 348 -19.40 1.38 -5.84
C GLY B 348 -18.75 0.02 -5.66
N LEU B 349 -17.48 0.02 -5.27
CA LEU B 349 -16.74 -1.22 -5.06
C LEU B 349 -16.11 -1.27 -3.68
N LEU B 350 -15.75 -2.48 -3.29
CA LEU B 350 -15.34 -2.77 -1.92
C LEU B 350 -14.06 -3.57 -1.84
N ASP B 351 -13.53 -3.64 -0.63
CA ASP B 351 -12.29 -4.33 -0.26
C ASP B 351 -12.55 -5.83 -0.52
N LYS B 352 -13.65 -6.34 0.05
CA LYS B 352 -14.01 -7.74 -0.01
C LYS B 352 -15.46 -7.86 0.40
N PRO B 353 -16.10 -9.04 0.17
CA PRO B 353 -17.53 -9.08 0.45
C PRO B 353 -17.88 -8.83 1.95
N GLY B 354 -19.02 -8.19 2.18
CA GLY B 354 -19.44 -7.85 3.54
C GLY B 354 -18.97 -6.49 4.05
N LYS B 355 -18.04 -5.86 3.32
CA LYS B 355 -17.55 -4.53 3.66
C LYS B 355 -18.43 -3.51 2.97
N SER B 356 -18.27 -2.25 3.33
CA SER B 356 -19.05 -1.18 2.76
C SER B 356 -18.31 -0.59 1.54
N ARG B 357 -19.06 -0.13 0.54
CA ARG B 357 -18.48 0.64 -0.56
C ARG B 357 -17.67 1.80 -0.04
N ASP B 358 -16.69 2.24 -0.82
CA ASP B 358 -16.13 3.57 -0.63
C ASP B 358 -15.50 4.05 -1.93
N PHE B 359 -15.20 5.35 -2.07
CA PHE B 359 -14.65 5.85 -3.32
C PHE B 359 -13.19 5.40 -3.57
N TYR B 360 -12.50 5.01 -2.50
CA TYR B 360 -11.13 4.52 -2.53
C TYR B 360 -11.09 3.20 -3.26
N HIS B 361 -11.94 2.27 -2.82
CA HIS B 361 -12.00 0.95 -3.38
C HIS B 361 -12.61 0.90 -4.71
N THR B 362 -13.51 1.83 -4.97
CA THR B 362 -14.01 2.06 -6.30
C THR B 362 -12.87 2.46 -7.26
N CYS B 363 -12.08 3.46 -6.89
CA CYS B 363 -10.94 3.88 -7.70
C CYS B 363 -10.02 2.68 -7.95
N TYR B 364 -9.53 2.02 -6.90
CA TYR B 364 -8.46 0.97 -7.05
C TYR B 364 -8.90 -0.38 -7.56
N CYS B 365 -10.12 -0.81 -7.24
CA CYS B 365 -10.66 -2.00 -7.86
C CYS B 365 -10.82 -1.79 -9.38
N LEU B 366 -11.26 -0.61 -9.78
CA LEU B 366 -11.45 -0.31 -11.19
C LEU B 366 -10.13 -0.14 -11.90
N SER B 367 -9.21 0.57 -11.28
CA SER B 367 -7.87 0.73 -11.85
C SER B 367 -7.19 -0.67 -12.03
N GLY B 368 -7.38 -1.56 -11.05
CA GLY B 368 -6.86 -2.91 -11.12
C GLY B 368 -7.57 -3.79 -12.11
N LEU B 369 -8.87 -3.66 -12.17
CA LEU B 369 -9.62 -4.26 -13.28
C LEU B 369 -9.02 -3.85 -14.66
N SER B 370 -8.74 -2.56 -14.88
CA SER B 370 -8.21 -2.07 -16.14
C SER B 370 -6.86 -2.74 -16.48
N ILE B 371 -5.90 -2.65 -15.58
CA ILE B 371 -4.63 -3.34 -15.67
C ILE B 371 -4.90 -4.76 -16.09
N ALA B 372 -5.73 -5.51 -15.37
CA ALA B 372 -5.91 -6.93 -15.66
C ALA B 372 -6.48 -7.16 -17.07
N GLN B 373 -7.22 -6.18 -17.56
CA GLN B 373 -7.79 -6.26 -18.89
C GLN B 373 -6.82 -5.90 -20.01
N HIS B 374 -5.88 -4.98 -19.77
CA HIS B 374 -5.04 -4.44 -20.84
C HIS B 374 -3.57 -4.72 -20.66
N PHE B 375 -3.08 -5.64 -21.49
CA PHE B 375 -1.66 -5.78 -21.75
C PHE B 375 -1.23 -4.82 -22.87
N GLY B 376 -0.19 -4.01 -22.57
CA GLY B 376 0.61 -3.26 -23.54
C GLY B 376 2.10 -3.64 -23.38
N SER B 377 2.89 -3.44 -24.44
CA SER B 377 4.36 -3.73 -24.44
C SER B 377 4.96 -3.17 -25.73
N GLY B 378 5.52 -1.96 -25.65
CA GLY B 378 6.02 -1.27 -26.84
C GLY B 378 4.99 -1.32 -27.94
N ALA B 379 5.02 -2.41 -28.70
CA ALA B 379 4.09 -2.59 -29.83
C ALA B 379 2.79 -3.36 -29.47
N MET B 380 2.92 -4.42 -28.68
CA MET B 380 1.85 -5.44 -28.53
C MET B 380 0.73 -5.07 -27.55
N LEU B 381 -0.46 -4.80 -28.07
CA LEU B 381 -1.65 -4.51 -27.25
C LEU B 381 -2.57 -5.71 -27.30
N HIS B 382 -2.95 -6.26 -26.14
CA HIS B 382 -3.78 -7.46 -26.06
C HIS B 382 -4.70 -7.38 -24.84
N ASP B 383 -6.01 -7.57 -25.05
CA ASP B 383 -7.02 -7.47 -23.98
C ASP B 383 -7.57 -8.81 -23.54
N VAL B 384 -7.97 -8.89 -22.27
CA VAL B 384 -8.61 -10.06 -21.70
C VAL B 384 -9.79 -9.55 -20.87
N VAL B 385 -11.00 -9.70 -21.39
CA VAL B 385 -12.16 -9.08 -20.78
C VAL B 385 -13.09 -10.15 -20.33
N MET B 386 -13.10 -10.43 -19.03
CA MET B 386 -14.03 -11.39 -18.48
C MET B 386 -15.41 -10.79 -18.48
N GLY B 387 -16.37 -11.67 -18.72
CA GLY B 387 -17.76 -11.32 -18.76
C GLY B 387 -18.17 -10.76 -20.09
N VAL B 388 -19.15 -9.87 -20.03
CA VAL B 388 -19.68 -9.21 -21.23
C VAL B 388 -18.64 -8.23 -21.69
N PRO B 389 -18.54 -7.97 -23.02
CA PRO B 389 -17.66 -7.01 -23.66
C PRO B 389 -17.76 -5.58 -23.17
N GLU B 390 -18.91 -5.23 -22.64
CA GLU B 390 -19.12 -3.92 -22.09
C GLU B 390 -18.29 -3.69 -20.82
N ASN B 391 -17.72 -4.74 -20.24
CA ASN B 391 -16.93 -4.62 -19.02
C ASN B 391 -15.59 -3.89 -19.20
N VAL B 392 -15.14 -3.72 -20.45
CA VAL B 392 -13.83 -3.11 -20.69
C VAL B 392 -13.74 -1.70 -20.21
N LEU B 393 -12.72 -1.42 -19.43
CA LEU B 393 -12.50 -0.09 -18.93
C LEU B 393 -11.51 0.64 -19.87
N GLN B 394 -11.45 1.95 -19.76
CA GLN B 394 -10.37 2.72 -20.39
C GLN B 394 -9.06 2.35 -19.67
N PRO B 395 -7.93 2.35 -20.42
CA PRO B 395 -6.63 1.99 -19.81
C PRO B 395 -6.14 3.02 -18.80
N THR B 396 -5.26 2.56 -17.94
CA THR B 396 -4.65 3.39 -16.92
C THR B 396 -3.13 3.30 -16.99
N HIS B 397 -2.48 4.41 -16.70
CA HIS B 397 -1.03 4.44 -16.67
C HIS B 397 -0.56 3.86 -15.36
N PRO B 398 0.23 2.76 -15.39
CA PRO B 398 0.57 2.10 -14.13
C PRO B 398 1.52 2.88 -13.25
N VAL B 399 2.06 3.99 -13.72
CA VAL B 399 2.91 4.80 -12.85
C VAL B 399 2.13 5.89 -12.09
N TYR B 400 1.28 6.60 -12.80
CA TYR B 400 0.56 7.74 -12.28
C TYR B 400 -0.86 7.36 -11.85
N ASN B 401 -1.34 6.20 -12.31
CA ASN B 401 -2.73 5.77 -12.24
C ASN B 401 -3.68 6.90 -12.63
N ILE B 402 -3.41 7.46 -13.80
CA ILE B 402 -4.36 8.27 -14.56
C ILE B 402 -4.30 7.80 -16.02
N GLY B 403 -5.20 8.27 -16.87
CA GLY B 403 -5.22 7.84 -18.27
C GLY B 403 -3.89 8.19 -18.97
N PRO B 404 -3.30 7.22 -19.69
CA PRO B 404 -2.04 7.46 -20.43
C PRO B 404 -2.07 8.68 -21.37
N ASP B 405 -3.28 9.03 -21.80
CA ASP B 405 -3.60 10.25 -22.55
C ASP B 405 -3.42 11.50 -21.73
N LYS B 406 -3.96 11.49 -20.50
CA LYS B 406 -3.91 12.67 -19.63
C LYS B 406 -2.45 12.94 -19.26
N VAL B 407 -1.65 11.89 -19.21
CA VAL B 407 -0.23 12.02 -18.98
C VAL B 407 0.49 12.70 -20.14
N ILE B 408 0.42 12.09 -21.33
CA ILE B 408 0.85 12.70 -22.61
C ILE B 408 0.61 14.20 -22.57
N GLN B 409 -0.67 14.53 -22.50
CA GLN B 409 -1.19 15.86 -22.60
C GLN B 409 -0.68 16.76 -21.47
N ALA B 410 -0.28 16.16 -20.35
CA ALA B 410 0.29 16.90 -19.21
C ALA B 410 1.78 17.18 -19.40
N THR B 411 2.57 16.13 -19.59
CA THR B 411 4.01 16.30 -19.69
C THR B 411 4.35 17.12 -20.96
N THR B 412 3.65 16.85 -22.04
CA THR B 412 3.86 17.60 -23.22
C THR B 412 3.78 19.07 -22.86
N HIS B 413 2.69 19.50 -22.30
CA HIS B 413 2.58 20.85 -21.80
C HIS B 413 3.79 21.46 -20.95
N PHE B 414 4.24 20.79 -19.93
CA PHE B 414 5.11 21.21 -18.85
C PHE B 414 6.57 21.09 -19.30
N LEU B 415 6.78 20.46 -20.45
CA LEU B 415 8.05 20.62 -21.17
C LEU B 415 8.06 21.92 -22.00
N GLN B 416 6.89 22.50 -22.30
CA GLN B 416 6.82 23.85 -22.88
C GLN B 416 7.27 24.92 -21.91
N LYS B 417 7.63 24.49 -20.71
CA LYS B 417 8.14 25.35 -19.66
C LYS B 417 9.51 24.83 -19.21
N PRO B 418 10.40 25.74 -18.77
CA PRO B 418 11.68 25.27 -18.24
C PRO B 418 11.58 24.88 -16.77
N VAL B 419 12.41 23.94 -16.35
CA VAL B 419 12.49 23.53 -14.96
C VAL B 419 12.78 24.73 -14.08
N PRO B 420 11.77 25.21 -13.33
CA PRO B 420 11.99 26.38 -12.53
C PRO B 420 12.60 25.98 -11.21
N GLY B 421 13.82 26.47 -10.93
CA GLY B 421 14.50 26.19 -9.66
C GLY B 421 14.12 27.12 -8.51
N PHE B 422 14.90 27.08 -7.43
CA PHE B 422 14.79 28.10 -6.39
C PHE B 422 16.11 28.88 -6.14
#